data_7P33
#
_entry.id   7P33
#
_cell.length_a   94.208
_cell.length_b   94.208
_cell.length_c   455.582
_cell.angle_alpha   90.000
_cell.angle_beta   90.000
_cell.angle_gamma   120.000
#
_symmetry.space_group_name_H-M   'P 65 2 2'
#
loop_
_entity.id
_entity.type
_entity.pdbx_description
1 polymer 'Apoptosis regulator BHRF1'
2 polymer 'BH3-interacting domain death agonist p15'
3 non-polymer 1,2-ETHANEDIOL
4 non-polymer 'PHOSPHATE ION'
5 water water
#
loop_
_entity_poly.entity_id
_entity_poly.type
_entity_poly.pdbx_seq_one_letter_code
_entity_poly.pdbx_strand_id
1 'polypeptide(L)'
;MGSHHHHHHSQDPMAYSTREILLALCIRDSRVHGNGTLHPVLELAARETPLRLSPEDTVVLRYHVLLEEIIERNSETFTE
TWNRFITHTEHVDLDFNSVFLEIFHRGDPSLGRALAWMAWCMHACRTLCCNQSTPYYVVDLSVRGMLEASEGLDGWIHQQ
GGWSTLIEDNIPG
;
A,B,C,D,E
2 'polypeptide(L)' SESQEDIIRNIARHLAQVGDSMDRSIPPGLVNGL G,H,F,I,J
#
# COMPACT_ATOMS: atom_id res chain seq x y z
N ALA A 15 -37.98 -25.15 -9.62
CA ALA A 15 -37.70 -24.95 -11.04
C ALA A 15 -36.42 -24.15 -11.24
N TYR A 16 -35.38 -24.51 -10.49
CA TYR A 16 -34.13 -23.77 -10.54
C TYR A 16 -33.36 -24.13 -11.81
N SER A 17 -32.68 -23.13 -12.37
CA SER A 17 -31.87 -23.33 -13.57
C SER A 17 -30.42 -23.61 -13.18
N THR A 18 -29.64 -24.05 -14.18
CA THR A 18 -28.23 -24.34 -13.93
C THR A 18 -27.48 -23.07 -13.55
N ARG A 19 -27.81 -21.95 -14.20
CA ARG A 19 -27.19 -20.67 -13.86
C ARG A 19 -27.35 -20.37 -12.37
N GLU A 20 -28.52 -20.67 -11.80
CA GLU A 20 -28.78 -20.33 -10.41
C GLU A 20 -28.07 -21.28 -9.45
N ILE A 21 -28.19 -22.59 -9.68
CA ILE A 21 -27.58 -23.54 -8.77
C ILE A 21 -26.06 -23.46 -8.83
N LEU A 22 -25.50 -23.07 -9.98
CA LEU A 22 -24.06 -22.89 -10.08
C LEU A 22 -23.61 -21.66 -9.30
N LEU A 23 -24.24 -20.52 -9.55
CA LEU A 23 -23.91 -19.31 -8.80
C LEU A 23 -24.05 -19.54 -7.30
N ALA A 24 -25.14 -20.19 -6.88
CA ALA A 24 -25.34 -20.47 -5.46
C ALA A 24 -24.19 -21.30 -4.90
N LEU A 25 -23.77 -22.33 -5.64
CA LEU A 25 -22.67 -23.17 -5.18
C LEU A 25 -21.41 -22.34 -4.96
N CYS A 26 -21.09 -21.46 -5.91
CA CYS A 26 -19.90 -20.62 -5.77
C CYS A 26 -20.03 -19.68 -4.57
N ILE A 27 -21.23 -19.12 -4.36
CA ILE A 27 -21.46 -18.31 -3.17
C ILE A 27 -21.36 -19.17 -1.92
N ARG A 28 -21.95 -20.37 -1.95
CA ARG A 28 -21.83 -21.28 -0.84
C ARG A 28 -20.39 -21.68 -0.59
N ASP A 29 -19.65 -21.99 -1.66
CA ASP A 29 -18.26 -22.40 -1.52
C ASP A 29 -17.38 -21.27 -1.01
N SER A 30 -17.70 -20.03 -1.37
CA SER A 30 -16.91 -18.89 -0.92
C SER A 30 -17.12 -18.64 0.58
N ARG A 31 -18.32 -18.89 1.09
CA ARG A 31 -18.58 -18.70 2.51
C ARG A 31 -17.89 -19.78 3.36
N VAL A 32 -17.64 -20.96 2.78
CA VAL A 32 -17.04 -22.04 3.53
C VAL A 32 -15.52 -21.88 3.61
N HIS A 33 -14.91 -21.23 2.63
CA HIS A 33 -13.45 -21.09 2.55
C HIS A 33 -13.06 -19.70 3.05
N GLY A 34 -12.60 -19.64 4.29
CA GLY A 34 -12.12 -18.40 4.88
C GLY A 34 -13.18 -17.38 5.22
N ASN A 35 -14.46 -17.70 5.04
CA ASN A 35 -15.54 -16.76 5.32
C ASN A 35 -15.28 -15.47 4.54
N GLY A 36 -14.98 -14.37 5.21
CA GLY A 36 -14.59 -13.15 4.50
C GLY A 36 -15.72 -12.58 3.66
N THR A 37 -15.40 -11.45 3.02
CA THR A 37 -16.36 -10.76 2.17
C THR A 37 -16.52 -11.51 0.85
N LEU A 38 -17.76 -11.61 0.39
CA LEU A 38 -18.03 -12.19 -0.92
C LEU A 38 -17.54 -11.24 -2.01
N HIS A 39 -16.98 -11.82 -3.07
CA HIS A 39 -16.40 -11.00 -4.12
C HIS A 39 -17.47 -10.11 -4.73
N PRO A 40 -17.18 -8.82 -4.98
CA PRO A 40 -18.20 -7.94 -5.59
C PRO A 40 -18.82 -8.50 -6.85
N VAL A 41 -18.03 -9.18 -7.69
CA VAL A 41 -18.57 -9.77 -8.92
C VAL A 41 -19.68 -10.77 -8.59
N LEU A 42 -19.43 -11.65 -7.61
CA LEU A 42 -20.43 -12.64 -7.23
C LEU A 42 -21.64 -11.98 -6.59
N GLU A 43 -21.42 -10.98 -5.74
CA GLU A 43 -22.54 -10.22 -5.18
C GLU A 43 -23.41 -9.65 -6.29
N LEU A 44 -22.77 -9.03 -7.29
CA LEU A 44 -23.54 -8.41 -8.37
C LEU A 44 -24.28 -9.45 -9.20
N ALA A 45 -23.68 -10.63 -9.40
CA ALA A 45 -24.35 -11.68 -10.15
C ALA A 45 -25.55 -12.22 -9.39
N ALA A 46 -25.52 -12.19 -8.06
CA ALA A 46 -26.68 -12.58 -7.27
C ALA A 46 -27.83 -11.58 -7.42
N ARG A 47 -27.49 -10.32 -7.70
CA ARG A 47 -28.51 -9.28 -7.88
C ARG A 47 -28.99 -9.20 -9.32
N GLU A 48 -28.08 -9.33 -10.30
CA GLU A 48 -28.46 -9.29 -11.70
C GLU A 48 -28.93 -10.67 -12.17
N PRO A 50 -33.33 -12.87 -10.15
CA PRO A 50 -32.14 -13.65 -10.51
C PRO A 50 -31.91 -14.85 -9.59
N LEU A 51 -31.03 -14.72 -8.60
CA LEU A 51 -30.72 -15.83 -7.71
C LEU A 51 -31.73 -15.87 -6.58
N ARG A 52 -32.77 -16.68 -6.73
CA ARG A 52 -33.73 -16.93 -5.67
C ARG A 52 -33.35 -18.14 -4.82
N LEU A 53 -32.36 -18.92 -5.25
CA LEU A 53 -31.94 -20.11 -4.52
C LEU A 53 -30.86 -19.71 -3.51
N SER A 54 -31.12 -19.97 -2.23
CA SER A 54 -30.17 -19.60 -1.20
C SER A 54 -28.94 -20.50 -1.26
N PRO A 55 -27.74 -19.97 -1.03
CA PRO A 55 -26.55 -20.83 -0.94
C PRO A 55 -26.67 -21.90 0.14
N GLU A 56 -27.50 -21.68 1.15
CA GLU A 56 -27.68 -22.65 2.23
C GLU A 56 -28.76 -23.68 1.94
N ASP A 57 -29.45 -23.57 0.81
CA ASP A 57 -30.53 -24.51 0.51
C ASP A 57 -30.01 -25.94 0.47
N THR A 58 -30.88 -26.87 0.87
CA THR A 58 -30.46 -28.28 1.00
C THR A 58 -29.89 -28.81 -0.30
N VAL A 59 -30.55 -28.52 -1.43
CA VAL A 59 -30.05 -29.01 -2.72
C VAL A 59 -28.64 -28.50 -2.97
N VAL A 60 -28.37 -27.26 -2.55
CA VAL A 60 -27.04 -26.70 -2.74
C VAL A 60 -26.04 -27.39 -1.83
N LEU A 61 -26.43 -27.66 -0.58
CA LEU A 61 -25.54 -28.35 0.34
C LEU A 61 -25.19 -29.74 -0.17
N ARG A 62 -26.17 -30.45 -0.72
CA ARG A 62 -25.91 -31.76 -1.30
C ARG A 62 -24.89 -31.66 -2.43
N TYR A 63 -25.14 -30.77 -3.39
CA TYR A 63 -24.25 -30.65 -4.54
C TYR A 63 -22.87 -30.13 -4.15
N HIS A 64 -22.80 -29.25 -3.15
CA HIS A 64 -21.50 -28.74 -2.73
C HIS A 64 -20.60 -29.87 -2.26
N VAL A 65 -21.15 -30.82 -1.49
CA VAL A 65 -20.37 -31.97 -1.04
C VAL A 65 -19.96 -32.81 -2.23
N LEU A 66 -20.91 -33.14 -3.10
CA LEU A 66 -20.63 -34.01 -4.24
C LEU A 66 -19.55 -33.43 -5.13
N LEU A 67 -19.70 -32.17 -5.53
CA LEU A 67 -18.74 -31.56 -6.45
C LEU A 67 -17.36 -31.41 -5.81
N GLU A 68 -17.30 -31.18 -4.50
CA GLU A 68 -16.01 -31.12 -3.82
C GLU A 68 -15.32 -32.48 -3.87
N GLU A 69 -16.08 -33.56 -3.67
CA GLU A 69 -15.50 -34.89 -3.78
C GLU A 69 -14.94 -35.13 -5.18
N ILE A 70 -15.63 -34.61 -6.20
CA ILE A 70 -15.15 -34.75 -7.57
C ILE A 70 -13.83 -34.01 -7.75
N ILE A 71 -13.76 -32.78 -7.24
CA ILE A 71 -12.52 -32.00 -7.34
C ILE A 71 -11.37 -32.74 -6.67
N GLU A 72 -11.61 -33.24 -5.46
CA GLU A 72 -10.56 -33.94 -4.73
C GLU A 72 -10.09 -35.19 -5.47
N ARG A 73 -11.03 -35.93 -6.07
CA ARG A 73 -10.67 -37.15 -6.78
C ARG A 73 -9.91 -36.84 -8.07
N ASN A 74 -10.13 -35.67 -8.65
CA ASN A 74 -9.47 -35.25 -9.89
C ASN A 74 -8.65 -33.99 -9.66
N SER A 75 -8.05 -33.88 -8.47
CA SER A 75 -7.34 -32.65 -8.10
C SER A 75 -6.24 -32.32 -9.09
N GLU A 76 -5.35 -33.27 -9.37
CA GLU A 76 -4.23 -33.00 -10.25
C GLU A 76 -4.70 -32.58 -11.64
N THR A 77 -5.82 -33.12 -12.12
CA THR A 77 -6.29 -32.78 -13.45
C THR A 77 -7.03 -31.44 -13.46
N PHE A 78 -7.80 -31.14 -12.41
CA PHE A 78 -8.52 -29.88 -12.37
C PHE A 78 -7.58 -28.68 -12.23
N THR A 79 -6.44 -28.86 -11.58
CA THR A 79 -5.48 -27.76 -11.47
C THR A 79 -4.69 -27.59 -12.77
N GLU A 80 -4.18 -28.69 -13.32
CA GLU A 80 -3.42 -28.60 -14.57
C GLU A 80 -4.27 -28.03 -15.70
N THR A 81 -5.48 -28.57 -15.90
CA THR A 81 -6.32 -28.07 -16.97
C THR A 81 -6.70 -26.62 -16.76
N TRP A 82 -7.03 -26.24 -15.52
CA TRP A 82 -7.40 -24.85 -15.26
C TRP A 82 -6.19 -23.93 -15.36
N ASN A 83 -5.13 -24.23 -14.59
CA ASN A 83 -3.92 -23.42 -14.68
C ASN A 83 -3.50 -23.22 -16.12
N ARG A 84 -3.63 -24.25 -16.95
CA ARG A 84 -3.30 -24.14 -18.36
C ARG A 84 -4.34 -23.31 -19.10
N PHE A 85 -5.62 -23.45 -18.74
CA PHE A 85 -6.68 -22.73 -19.41
C PHE A 85 -6.55 -21.22 -19.21
N ILE A 86 -6.34 -20.80 -17.96
CA ILE A 86 -6.39 -19.38 -17.64
C ILE A 86 -5.18 -18.64 -18.17
N THR A 87 -4.02 -19.31 -18.24
CA THR A 87 -2.80 -18.64 -18.66
C THR A 87 -2.65 -18.53 -20.17
N HIS A 88 -3.53 -19.16 -20.95
CA HIS A 88 -3.45 -19.12 -22.41
C HIS A 88 -4.61 -18.40 -23.07
N THR A 89 -5.75 -18.27 -22.40
CA THR A 89 -6.91 -17.65 -23.02
C THR A 89 -6.75 -16.14 -23.09
N GLU A 90 -7.30 -15.56 -24.17
CA GLU A 90 -7.42 -14.12 -24.29
C GLU A 90 -8.86 -13.65 -24.22
N HIS A 91 -9.84 -14.57 -24.29
CA HIS A 91 -11.26 -14.26 -24.17
C HIS A 91 -11.87 -15.35 -23.27
N VAL A 92 -11.66 -15.21 -21.96
CA VAL A 92 -12.06 -16.27 -21.03
C VAL A 92 -13.57 -16.49 -21.08
N ASP A 93 -14.34 -15.42 -21.28
CA ASP A 93 -15.79 -15.58 -21.36
C ASP A 93 -16.20 -16.37 -22.60
N LEU A 94 -15.40 -16.33 -23.66
CA LEU A 94 -15.70 -17.06 -24.87
C LEU A 94 -15.14 -18.48 -24.84
N ASP A 95 -13.95 -18.67 -24.25
CA ASP A 95 -13.38 -20.01 -24.16
C ASP A 95 -14.13 -20.90 -23.20
N PHE A 96 -14.84 -20.34 -22.22
CA PHE A 96 -15.69 -21.15 -21.36
C PHE A 96 -16.78 -21.83 -22.17
N ASN A 97 -17.41 -21.08 -23.09
CA ASN A 97 -18.44 -21.66 -23.94
C ASN A 97 -17.83 -22.59 -24.98
N SER A 98 -16.58 -22.35 -25.39
CA SER A 98 -15.91 -23.27 -26.31
C SER A 98 -15.76 -24.65 -25.68
N VAL A 99 -15.19 -24.71 -24.47
CA VAL A 99 -15.02 -25.97 -23.78
C VAL A 99 -16.37 -26.68 -23.63
N PHE A 100 -17.38 -25.93 -23.20
CA PHE A 100 -18.70 -26.52 -22.97
C PHE A 100 -19.25 -27.15 -24.25
N LEU A 101 -19.25 -26.40 -25.34
CA LEU A 101 -19.80 -26.91 -26.60
C LEU A 101 -19.09 -28.18 -27.05
N GLU A 102 -17.78 -28.28 -26.79
CA GLU A 102 -17.06 -29.51 -27.11
C GLU A 102 -17.62 -30.70 -26.32
N ILE A 103 -17.98 -30.47 -25.07
CA ILE A 103 -18.40 -31.57 -24.20
C ILE A 103 -19.86 -31.93 -24.43
N PHE A 104 -20.74 -30.92 -24.52
CA PHE A 104 -22.18 -31.16 -24.50
C PHE A 104 -22.88 -30.87 -25.81
N HIS A 105 -22.20 -30.28 -26.79
CA HIS A 105 -22.77 -30.06 -28.11
C HIS A 105 -22.11 -30.90 -29.19
N ARG A 106 -20.78 -30.99 -29.19
CA ARG A 106 -20.09 -31.94 -30.06
C ARG A 106 -20.29 -33.38 -29.62
N GLY A 107 -20.83 -33.59 -28.41
CA GLY A 107 -21.18 -34.92 -27.95
C GLY A 107 -22.51 -34.89 -27.24
N ASP A 108 -23.02 -36.08 -26.95
CA ASP A 108 -24.31 -36.17 -26.28
C ASP A 108 -24.14 -35.95 -24.78
N PRO A 109 -25.08 -35.26 -24.13
CA PRO A 109 -24.92 -34.99 -22.68
C PRO A 109 -24.94 -36.28 -21.87
N SER A 110 -24.23 -36.23 -20.74
CA SER A 110 -24.22 -37.31 -19.76
C SER A 110 -24.39 -36.71 -18.37
N LEU A 111 -24.99 -37.49 -17.47
CA LEU A 111 -25.07 -37.06 -16.08
C LEU A 111 -23.67 -36.92 -15.48
N GLY A 112 -22.75 -37.81 -15.85
CA GLY A 112 -21.39 -37.71 -15.36
C GLY A 112 -20.60 -36.59 -16.01
N ARG A 113 -20.92 -36.27 -17.27
CA ARG A 113 -20.27 -35.14 -17.92
C ARG A 113 -20.78 -33.81 -17.36
N ALA A 114 -22.06 -33.75 -16.98
CA ALA A 114 -22.58 -32.52 -16.38
C ALA A 114 -21.97 -32.27 -15.02
N LEU A 115 -21.92 -33.29 -14.17
CA LEU A 115 -21.29 -33.14 -12.86
C LEU A 115 -19.84 -32.73 -12.98
N ALA A 116 -19.12 -33.30 -13.95
CA ALA A 116 -17.71 -32.94 -14.15
C ALA A 116 -17.58 -31.47 -14.54
N TRP A 117 -18.43 -31.00 -15.44
CA TRP A 117 -18.39 -29.59 -15.84
C TRP A 117 -18.72 -28.69 -14.65
N MET A 118 -19.80 -28.99 -13.93
CA MET A 118 -20.17 -28.18 -12.77
C MET A 118 -19.04 -28.15 -11.75
N ALA A 119 -18.39 -29.29 -11.52
CA ALA A 119 -17.30 -29.34 -10.55
C ALA A 119 -16.10 -28.52 -11.04
N TRP A 120 -15.81 -28.55 -12.34
CA TRP A 120 -14.69 -27.79 -12.87
C TRP A 120 -14.93 -26.30 -12.76
N CYS A 121 -16.17 -25.86 -12.90
CA CYS A 121 -16.47 -24.43 -12.78
C CYS A 121 -16.40 -23.97 -11.33
N MET A 122 -16.89 -24.79 -10.40
CA MET A 122 -16.79 -24.43 -8.98
C MET A 122 -15.34 -24.36 -8.55
N HIS A 123 -14.49 -25.25 -9.07
CA HIS A 123 -13.06 -25.17 -8.77
C HIS A 123 -12.44 -23.91 -9.36
N ALA A 124 -12.95 -23.46 -10.51
CA ALA A 124 -12.42 -22.25 -11.13
C ALA A 124 -12.66 -21.03 -10.24
N CYS A 125 -13.90 -20.88 -9.75
CA CYS A 125 -14.21 -19.77 -8.86
C CYS A 125 -13.33 -19.81 -7.61
N ARG A 126 -13.14 -21.01 -7.04
CA ARG A 126 -12.34 -21.15 -5.83
C ARG A 126 -10.98 -20.48 -5.99
N THR A 127 -10.36 -20.62 -7.16
CA THR A 127 -9.09 -19.99 -7.45
C THR A 127 -9.22 -18.51 -7.79
N LEU A 128 -10.45 -17.97 -7.82
CA LEU A 128 -10.68 -16.58 -8.16
C LEU A 128 -11.42 -15.80 -7.09
N CYS A 129 -12.16 -16.47 -6.20
CA CYS A 129 -13.04 -15.80 -5.25
C CYS A 129 -12.28 -14.87 -4.30
N CYS A 130 -11.44 -15.45 -3.45
CA CYS A 130 -10.89 -14.75 -2.30
C CYS A 130 -9.40 -14.44 -2.45
N ASN A 131 -9.00 -14.06 -3.66
CA ASN A 131 -7.60 -13.72 -3.95
C ASN A 131 -7.49 -12.21 -4.09
N GLN A 132 -6.63 -11.60 -3.28
CA GLN A 132 -6.42 -10.16 -3.30
C GLN A 132 -5.56 -9.70 -4.48
N SER A 133 -5.18 -10.61 -5.38
CA SER A 133 -4.37 -10.25 -6.54
C SER A 133 -5.04 -10.57 -7.87
N THR A 134 -6.16 -11.28 -7.88
CA THR A 134 -6.83 -11.59 -9.12
C THR A 134 -7.57 -10.37 -9.65
N PRO A 135 -7.31 -9.92 -10.88
CA PRO A 135 -7.97 -8.71 -11.37
C PRO A 135 -9.49 -8.89 -11.44
N TYR A 136 -10.20 -7.77 -11.29
CA TYR A 136 -11.66 -7.81 -11.33
C TYR A 136 -12.17 -8.23 -12.71
N TYR A 137 -11.55 -7.73 -13.77
CA TYR A 137 -12.00 -8.10 -15.11
C TYR A 137 -11.79 -9.58 -15.40
N VAL A 138 -10.81 -10.20 -14.73
CA VAL A 138 -10.62 -11.64 -14.87
C VAL A 138 -11.74 -12.39 -14.15
N VAL A 139 -12.04 -11.99 -12.91
CA VAL A 139 -13.14 -12.62 -12.17
C VAL A 139 -14.45 -12.41 -12.90
N ASP A 140 -14.65 -11.21 -13.45
CA ASP A 140 -15.93 -10.88 -14.07
C ASP A 140 -16.20 -11.76 -15.28
N LEU A 141 -15.28 -11.75 -16.25
CA LEU A 141 -15.48 -12.53 -17.46
C LEU A 141 -15.59 -14.02 -17.15
N SER A 142 -14.96 -14.48 -16.08
CA SER A 142 -15.02 -15.91 -15.74
C SER A 142 -16.39 -16.27 -15.15
N VAL A 143 -16.93 -15.42 -14.28
CA VAL A 143 -18.25 -15.67 -13.72
C VAL A 143 -19.29 -15.65 -14.82
N ARG A 144 -19.16 -14.71 -15.77
CA ARG A 144 -20.11 -14.63 -16.87
C ARG A 144 -19.93 -15.79 -17.84
N GLY A 145 -18.68 -16.18 -18.12
CA GLY A 145 -18.44 -17.30 -19.02
C GLY A 145 -19.10 -18.57 -18.53
N MET A 146 -18.98 -18.86 -17.24
CA MET A 146 -19.60 -20.05 -16.67
C MET A 146 -21.12 -20.00 -16.82
N LEU A 147 -21.75 -18.98 -16.24
CA LEU A 147 -23.20 -18.97 -16.08
C LEU A 147 -23.91 -18.98 -17.43
N GLU A 148 -23.37 -18.26 -18.42
CA GLU A 148 -24.00 -18.25 -19.74
C GLU A 148 -23.69 -19.51 -20.53
N ALA A 149 -22.53 -20.12 -20.26
CA ALA A 149 -22.19 -21.38 -20.93
C ALA A 149 -22.93 -22.57 -20.31
N SER A 150 -23.22 -22.51 -19.01
CA SER A 150 -23.93 -23.59 -18.34
C SER A 150 -25.41 -23.63 -18.69
N GLU A 151 -25.93 -22.60 -19.35
CA GLU A 151 -27.33 -22.61 -19.78
C GLU A 151 -27.61 -23.76 -20.74
N GLY A 152 -26.59 -24.29 -21.41
CA GLY A 152 -26.77 -25.40 -22.33
C GLY A 152 -27.19 -26.71 -21.70
N LEU A 153 -27.19 -26.78 -20.36
CA LEU A 153 -27.61 -27.99 -19.66
C LEU A 153 -29.05 -27.94 -19.18
N ASP A 154 -29.65 -26.74 -19.10
CA ASP A 154 -31.02 -26.64 -18.61
C ASP A 154 -31.97 -27.51 -19.42
N GLY A 155 -31.82 -27.51 -20.74
CA GLY A 155 -32.69 -28.30 -21.60
C GLY A 155 -32.65 -29.77 -21.30
N TRP A 156 -31.47 -30.39 -21.45
CA TRP A 156 -31.35 -31.83 -21.26
C TRP A 156 -31.62 -32.24 -19.81
N ILE A 157 -31.49 -31.32 -18.86
CA ILE A 157 -31.65 -31.69 -17.46
C ILE A 157 -33.10 -31.58 -16.99
N HIS A 158 -33.87 -30.63 -17.53
CA HIS A 158 -35.31 -30.65 -17.28
C HIS A 158 -35.93 -31.93 -17.83
N GLN A 159 -35.39 -32.45 -18.94
CA GLN A 159 -35.81 -33.74 -19.45
C GLN A 159 -35.55 -34.84 -18.43
N GLN A 160 -34.45 -34.74 -17.70
CA GLN A 160 -34.05 -35.78 -16.75
C GLN A 160 -34.70 -35.62 -15.39
N GLY A 161 -35.46 -34.54 -15.16
CA GLY A 161 -36.17 -34.32 -13.92
C GLY A 161 -35.70 -33.14 -13.11
N GLY A 162 -34.61 -32.49 -13.51
CA GLY A 162 -34.11 -31.33 -12.79
C GLY A 162 -33.03 -31.70 -11.79
N TRP A 163 -32.19 -30.70 -11.48
CA TRP A 163 -31.06 -30.91 -10.58
C TRP A 163 -31.50 -31.52 -9.26
N SER A 164 -32.51 -30.93 -8.62
CA SER A 164 -32.91 -31.39 -7.30
C SER A 164 -33.31 -32.86 -7.30
N THR A 165 -34.04 -33.28 -8.34
CA THR A 165 -34.48 -34.68 -8.40
C THR A 165 -33.33 -35.62 -8.72
N LEU A 166 -32.31 -35.15 -9.45
CA LEU A 166 -31.20 -36.02 -9.85
C LEU A 166 -30.42 -36.53 -8.65
N ILE A 167 -30.33 -35.74 -7.57
CA ILE A 167 -29.44 -36.07 -6.46
C ILE A 167 -30.24 -36.67 -5.31
N GLU A 168 -31.50 -36.26 -5.16
CA GLU A 168 -32.30 -36.73 -4.03
C GLU A 168 -32.67 -38.19 -4.15
N ASP A 169 -32.56 -38.79 -5.33
CA ASP A 169 -32.91 -40.19 -5.53
C ASP A 169 -34.35 -40.45 -5.07
N ALA B 15 -33.90 9.96 -7.90
CA ALA B 15 -32.54 10.03 -8.43
C ALA B 15 -31.55 10.32 -7.31
N TYR B 16 -30.26 10.29 -7.64
CA TYR B 16 -29.19 10.54 -6.69
C TYR B 16 -28.21 11.55 -7.28
N SER B 17 -27.36 12.09 -6.42
CA SER B 17 -26.38 13.09 -6.79
C SER B 17 -24.99 12.48 -6.83
N THR B 18 -24.12 13.05 -7.67
CA THR B 18 -22.75 12.57 -7.77
C THR B 18 -22.07 12.55 -6.40
N ARG B 19 -22.45 13.48 -5.51
CA ARG B 19 -21.91 13.47 -4.16
C ARG B 19 -22.32 12.19 -3.43
N GLU B 20 -23.59 11.80 -3.52
CA GLU B 20 -24.07 10.62 -2.81
C GLU B 20 -23.42 9.36 -3.34
N ILE B 21 -23.42 9.18 -4.67
CA ILE B 21 -22.90 7.95 -5.25
C ILE B 21 -21.40 7.83 -5.01
N LEU B 22 -20.65 8.92 -5.24
CA LEU B 22 -19.22 8.88 -4.99
C LEU B 22 -18.93 8.59 -3.53
N LEU B 23 -19.72 9.17 -2.62
CA LEU B 23 -19.57 8.84 -1.20
C LEU B 23 -19.96 7.40 -0.93
N ALA B 24 -21.04 6.92 -1.55
CA ALA B 24 -21.45 5.53 -1.37
C ALA B 24 -20.41 4.58 -1.93
N LEU B 25 -19.78 4.94 -3.05
CA LEU B 25 -18.74 4.10 -3.61
C LEU B 25 -17.50 4.05 -2.72
N CYS B 26 -17.16 5.18 -2.08
CA CYS B 26 -16.04 5.19 -1.16
C CYS B 26 -16.32 4.33 0.07
N ILE B 27 -17.57 4.30 0.53
CA ILE B 27 -17.93 3.48 1.67
C ILE B 27 -17.92 2.00 1.28
N ARG B 28 -18.51 1.68 0.13
CA ARG B 28 -18.52 0.30 -0.35
C ARG B 28 -17.10 -0.22 -0.52
N ASP B 29 -16.23 0.57 -1.16
CA ASP B 29 -14.86 0.15 -1.36
C ASP B 29 -14.14 -0.07 -0.04
N SER B 30 -14.49 0.70 0.98
CA SER B 30 -13.87 0.54 2.30
C SER B 30 -14.25 -0.80 2.92
N ARG B 31 -15.53 -1.16 2.86
CA ARG B 31 -15.96 -2.45 3.41
C ARG B 31 -15.32 -3.61 2.66
N VAL B 32 -15.07 -3.44 1.36
CA VAL B 32 -14.41 -4.49 0.58
C VAL B 32 -12.92 -4.51 0.87
N HIS B 33 -12.23 -3.42 0.57
CA HIS B 33 -10.78 -3.34 0.74
C HIS B 33 -10.46 -3.04 2.21
N GLY B 34 -10.40 -4.11 3.01
CA GLY B 34 -9.89 -3.99 4.36
C GLY B 34 -10.92 -4.21 5.45
N ASN B 35 -10.66 -3.62 6.62
CA ASN B 35 -11.47 -3.84 7.81
C ASN B 35 -12.83 -3.14 7.64
N GLY B 36 -13.69 -3.34 8.64
CA GLY B 36 -15.04 -2.82 8.60
C GLY B 36 -15.17 -1.39 9.09
N THR B 37 -14.40 -1.02 10.11
CA THR B 37 -14.49 0.32 10.68
C THR B 37 -14.30 1.38 9.61
N LEU B 38 -15.31 2.23 9.46
CA LEU B 38 -15.26 3.32 8.48
C LEU B 38 -14.61 4.54 9.11
N HIS B 39 -13.81 5.23 8.32
CA HIS B 39 -13.11 6.41 8.83
C HIS B 39 -14.13 7.41 9.39
N PRO B 40 -13.84 8.05 10.52
CA PRO B 40 -14.80 9.03 11.06
C PRO B 40 -15.16 10.14 10.07
N VAL B 41 -14.25 10.49 9.16
CA VAL B 41 -14.54 11.51 8.17
C VAL B 41 -15.66 11.06 7.24
N LEU B 42 -15.55 9.83 6.73
CA LEU B 42 -16.60 9.30 5.86
C LEU B 42 -17.90 9.09 6.63
N GLU B 43 -17.80 8.57 7.85
CA GLU B 43 -18.99 8.44 8.71
C GLU B 43 -19.72 9.77 8.81
N LEU B 44 -18.98 10.85 9.10
CA LEU B 44 -19.61 12.15 9.28
C LEU B 44 -20.16 12.68 7.96
N ALA B 45 -19.45 12.45 6.86
CA ALA B 45 -19.95 12.89 5.56
C ALA B 45 -21.28 12.21 5.23
N ALA B 46 -21.41 10.92 5.56
CA ALA B 46 -22.66 10.22 5.32
C ALA B 46 -23.80 10.84 6.13
N ARG B 47 -23.50 11.30 7.36
CA ARG B 47 -24.52 11.92 8.19
C ARG B 47 -24.87 13.33 7.73
N GLU B 48 -24.00 13.97 6.95
CA GLU B 48 -24.24 15.33 6.47
C GLU B 48 -24.30 15.38 4.95
N PRO B 50 -27.82 13.07 4.92
CA PRO B 50 -28.16 13.34 3.52
C PRO B 50 -27.71 12.24 2.56
N LEU B 51 -27.10 11.18 3.09
CA LEU B 51 -26.70 10.04 2.26
C LEU B 51 -27.87 9.06 2.24
N ARG B 52 -28.73 9.22 1.23
CA ARG B 52 -29.89 8.34 1.08
C ARG B 52 -29.57 7.06 0.32
N LEU B 53 -28.44 7.02 -0.39
CA LEU B 53 -28.08 5.83 -1.15
C LEU B 53 -27.34 4.84 -0.25
N SER B 54 -27.77 3.59 -0.27
CA SER B 54 -27.11 2.56 0.50
C SER B 54 -25.83 2.14 -0.21
N PRO B 55 -24.68 2.06 0.50
CA PRO B 55 -23.47 1.55 -0.16
C PRO B 55 -23.65 0.16 -0.75
N GLU B 56 -24.52 -0.66 -0.16
CA GLU B 56 -24.79 -1.99 -0.67
C GLU B 56 -25.91 -2.01 -1.70
N ASP B 57 -26.33 -0.84 -2.20
CA ASP B 57 -27.32 -0.79 -3.26
C ASP B 57 -26.76 -1.36 -4.56
N THR B 58 -27.64 -1.91 -5.39
CA THR B 58 -27.20 -2.59 -6.60
C THR B 58 -26.37 -1.69 -7.49
N VAL B 59 -26.79 -0.43 -7.66
CA VAL B 59 -26.07 0.48 -8.55
C VAL B 59 -24.66 0.73 -8.04
N VAL B 60 -24.47 0.73 -6.72
CA VAL B 60 -23.14 0.91 -6.16
C VAL B 60 -22.28 -0.33 -6.44
N LEU B 61 -22.88 -1.52 -6.35
CA LEU B 61 -22.14 -2.74 -6.66
C LEU B 61 -21.74 -2.79 -8.13
N ARG B 62 -22.54 -2.18 -9.01
CA ARG B 62 -22.23 -2.19 -10.43
C ARG B 62 -21.12 -1.20 -10.76
N TYR B 63 -21.19 0.02 -10.21
CA TYR B 63 -20.15 1.01 -10.46
C TYR B 63 -18.85 0.65 -9.76
N HIS B 64 -18.93 0.11 -8.55
CA HIS B 64 -17.72 -0.28 -7.83
C HIS B 64 -16.89 -1.25 -8.65
N VAL B 65 -17.55 -2.19 -9.34
CA VAL B 65 -16.83 -3.10 -10.23
C VAL B 65 -16.32 -2.35 -11.44
N LEU B 66 -17.13 -1.46 -12.01
CA LEU B 66 -16.73 -0.73 -13.20
C LEU B 66 -15.52 0.16 -12.93
N LEU B 67 -15.50 0.84 -11.79
CA LEU B 67 -14.42 1.77 -11.50
C LEU B 67 -13.15 1.03 -11.07
N GLU B 68 -13.29 -0.08 -10.35
CA GLU B 68 -12.11 -0.85 -9.96
C GLU B 68 -11.39 -1.39 -11.18
N GLU B 69 -12.12 -1.74 -12.24
CA GLU B 69 -11.49 -2.20 -13.47
C GLU B 69 -10.69 -1.07 -14.12
N ILE B 70 -11.24 0.15 -14.14
CA ILE B 70 -10.50 1.29 -14.68
C ILE B 70 -9.22 1.51 -13.89
N ILE B 71 -9.29 1.45 -12.56
CA ILE B 71 -8.09 1.60 -11.74
C ILE B 71 -7.07 0.54 -12.11
N GLU B 72 -7.51 -0.72 -12.26
CA GLU B 72 -6.59 -1.81 -12.49
C GLU B 72 -5.85 -1.65 -13.82
N ARG B 73 -6.53 -1.17 -14.86
CA ARG B 73 -5.87 -0.97 -16.14
C ARG B 73 -4.98 0.28 -16.15
N ASN B 74 -5.24 1.24 -15.28
CA ASN B 74 -4.44 2.45 -15.17
C ASN B 74 -3.77 2.54 -13.80
N SER B 75 -3.48 1.40 -13.19
CA SER B 75 -2.89 1.38 -11.86
C SER B 75 -1.62 2.22 -11.81
N GLU B 76 -0.72 2.02 -12.77
CA GLU B 76 0.54 2.76 -12.78
C GLU B 76 0.29 4.26 -12.90
N THR B 77 -0.61 4.64 -13.80
CA THR B 77 -0.92 6.06 -13.98
C THR B 77 -1.61 6.65 -12.75
N PHE B 78 -2.51 5.88 -12.12
CA PHE B 78 -3.27 6.40 -10.99
C PHE B 78 -2.39 6.60 -9.76
N THR B 79 -1.44 5.68 -9.53
CA THR B 79 -0.58 5.82 -8.36
C THR B 79 0.37 7.01 -8.51
N GLU B 80 0.98 7.16 -9.69
CA GLU B 80 1.92 8.26 -9.90
C GLU B 80 1.24 9.61 -9.79
N THR B 81 0.09 9.77 -10.47
CA THR B 81 -0.61 11.04 -10.43
C THR B 81 -1.02 11.42 -9.01
N TRP B 82 -1.58 10.46 -8.27
CA TRP B 82 -2.02 10.76 -6.92
C TRP B 82 -0.84 11.00 -5.98
N ASN B 83 0.22 10.22 -6.13
CA ASN B 83 1.39 10.40 -5.26
C ASN B 83 1.98 11.79 -5.42
N ARG B 84 2.20 12.22 -6.66
CA ARG B 84 2.68 13.59 -6.88
C ARG B 84 1.69 14.61 -6.36
N PHE B 85 0.39 14.37 -6.59
CA PHE B 85 -0.62 15.34 -6.17
C PHE B 85 -0.59 15.56 -4.66
N ILE B 86 -0.76 14.48 -3.88
CA ILE B 86 -0.93 14.63 -2.44
C ILE B 86 0.36 15.03 -1.75
N THR B 87 1.52 14.74 -2.34
CA THR B 87 2.79 15.12 -1.73
C THR B 87 3.15 16.58 -2.00
N HIS B 88 2.64 17.17 -3.08
CA HIS B 88 2.98 18.53 -3.47
C HIS B 88 1.82 19.51 -3.28
N THR B 89 0.76 19.11 -2.56
CA THR B 89 -0.39 19.97 -2.36
C THR B 89 -0.31 20.66 -1.02
N GLU B 90 -0.67 21.95 -1.00
CA GLU B 90 -0.82 22.70 0.22
C GLU B 90 -2.26 23.12 0.48
N HIS B 91 -3.14 23.01 -0.53
CA HIS B 91 -4.58 23.25 -0.38
C HIS B 91 -5.28 22.12 -1.15
N VAL B 92 -5.32 20.93 -0.53
CA VAL B 92 -5.80 19.75 -1.23
C VAL B 92 -7.25 19.94 -1.70
N ASP B 93 -8.07 20.58 -0.88
CA ASP B 93 -9.46 20.81 -1.26
C ASP B 93 -9.54 21.71 -2.49
N LEU B 94 -8.79 22.81 -2.49
CA LEU B 94 -8.78 23.69 -3.65
C LEU B 94 -8.16 23.00 -4.86
N ASP B 95 -7.10 22.23 -4.66
CA ASP B 95 -6.44 21.58 -5.78
C ASP B 95 -7.33 20.55 -6.47
N PHE B 96 -8.22 19.90 -5.73
CA PHE B 96 -9.15 18.95 -6.35
C PHE B 96 -10.03 19.65 -7.37
N ASN B 97 -10.65 20.76 -6.98
CA ASN B 97 -11.50 21.50 -7.92
C ASN B 97 -10.69 22.01 -9.11
N SER B 98 -9.41 22.33 -8.88
CA SER B 98 -8.57 22.80 -9.98
C SER B 98 -8.31 21.69 -10.99
N VAL B 99 -8.05 20.47 -10.53
CA VAL B 99 -7.89 19.34 -11.45
C VAL B 99 -9.17 19.12 -12.23
N PHE B 100 -10.33 19.17 -11.56
CA PHE B 100 -11.59 18.96 -12.23
C PHE B 100 -11.82 20.02 -13.31
N LEU B 101 -11.65 21.30 -12.96
CA LEU B 101 -11.83 22.37 -13.93
C LEU B 101 -10.86 22.23 -15.10
N GLU B 102 -9.63 21.81 -14.81
CA GLU B 102 -8.64 21.62 -15.88
C GLU B 102 -8.97 20.45 -16.78
N ILE B 103 -9.78 19.49 -16.30
CA ILE B 103 -10.20 18.38 -17.14
C ILE B 103 -11.37 18.78 -18.02
N PHE B 104 -12.41 19.35 -17.41
CA PHE B 104 -13.69 19.55 -18.08
C PHE B 104 -13.93 20.99 -18.51
N HIS B 105 -13.14 21.95 -18.01
CA HIS B 105 -13.32 23.36 -18.35
C HIS B 105 -14.76 23.73 -18.01
N ARG B 106 -15.50 24.42 -18.89
CA ARG B 106 -16.90 24.74 -18.67
C ARG B 106 -17.82 24.00 -19.62
N GLY B 107 -17.28 23.13 -20.49
CA GLY B 107 -18.10 22.38 -21.41
C GLY B 107 -18.58 21.06 -20.83
N ASP B 108 -19.60 20.50 -21.46
CA ASP B 108 -20.19 19.25 -20.97
C ASP B 108 -19.12 18.16 -20.91
N PRO B 109 -19.18 17.27 -19.93
CA PRO B 109 -18.20 16.18 -19.87
C PRO B 109 -18.56 15.04 -20.80
N SER B 110 -17.58 14.17 -21.04
CA SER B 110 -17.80 12.93 -21.76
C SER B 110 -17.89 11.78 -20.77
N LEU B 111 -18.67 10.75 -21.14
CA LEU B 111 -18.84 9.61 -20.25
C LEU B 111 -17.50 9.00 -19.85
N GLY B 112 -16.53 9.01 -20.77
CA GLY B 112 -15.24 8.44 -20.46
C GLY B 112 -14.47 9.25 -19.42
N ARG B 113 -14.39 10.57 -19.62
CA ARG B 113 -13.67 11.42 -18.68
C ARG B 113 -14.34 11.43 -17.31
N ALA B 114 -15.67 11.30 -17.27
CA ALA B 114 -16.37 11.28 -15.99
C ALA B 114 -16.01 10.03 -15.20
N LEU B 115 -16.11 8.86 -15.83
CA LEU B 115 -15.79 7.62 -15.13
C LEU B 115 -14.33 7.60 -14.69
N ALA B 116 -13.42 8.12 -15.52
CA ALA B 116 -12.02 8.19 -15.12
C ALA B 116 -11.85 9.05 -13.88
N TRP B 117 -12.54 10.19 -13.84
CA TRP B 117 -12.49 11.06 -12.65
C TRP B 117 -13.03 10.34 -11.42
N MET B 118 -14.16 9.65 -11.57
CA MET B 118 -14.74 8.93 -10.46
C MET B 118 -13.81 7.83 -9.98
N ALA B 119 -13.26 7.05 -10.92
CA ALA B 119 -12.31 6.00 -10.55
C ALA B 119 -11.07 6.57 -9.89
N TRP B 120 -10.63 7.76 -10.31
CA TRP B 120 -9.46 8.38 -9.71
C TRP B 120 -9.75 8.90 -8.30
N CYS B 121 -10.99 9.28 -8.04
CA CYS B 121 -11.36 9.73 -6.69
C CYS B 121 -11.52 8.56 -5.74
N MET B 122 -12.18 7.49 -6.18
CA MET B 122 -12.31 6.31 -5.34
C MET B 122 -10.93 5.76 -4.99
N HIS B 123 -10.03 5.69 -5.98
CA HIS B 123 -8.65 5.30 -5.69
C HIS B 123 -8.01 6.28 -4.72
N ALA B 124 -8.20 7.58 -4.97
CA ALA B 124 -7.64 8.59 -4.07
C ALA B 124 -8.13 8.38 -2.64
N CYS B 125 -9.38 7.96 -2.49
CA CYS B 125 -9.93 7.73 -1.15
C CYS B 125 -9.48 6.40 -0.57
N ARG B 126 -9.19 5.42 -1.42
CA ARG B 126 -8.74 4.11 -0.93
C ARG B 126 -7.40 4.24 -0.19
N THR B 127 -6.51 5.11 -0.67
CA THR B 127 -5.21 5.28 -0.05
C THR B 127 -5.28 6.10 1.23
N LEU B 128 -6.45 6.60 1.62
CA LEU B 128 -6.60 7.45 2.80
C LEU B 128 -7.53 6.88 3.85
N CYS B 129 -8.29 5.84 3.54
CA CYS B 129 -9.30 5.36 4.47
C CYS B 129 -8.71 4.47 5.55
N CYS B 130 -8.00 3.41 5.16
CA CYS B 130 -7.56 2.40 6.09
C CYS B 130 -6.17 2.65 6.66
N ASN B 131 -5.44 3.64 6.15
CA ASN B 131 -4.09 3.89 6.63
C ASN B 131 -4.11 4.22 8.12
N GLN B 132 -2.97 4.02 8.77
CA GLN B 132 -2.83 4.25 10.20
C GLN B 132 -2.24 5.62 10.53
N SER B 133 -1.47 6.22 9.61
CA SER B 133 -0.70 7.42 9.91
C SER B 133 -1.19 8.66 9.16
N THR B 134 -2.14 8.52 8.25
CA THR B 134 -2.59 9.68 7.47
C THR B 134 -3.27 10.69 8.39
N PRO B 135 -2.87 11.96 8.36
CA PRO B 135 -3.53 12.94 9.23
C PRO B 135 -5.02 13.06 8.93
N TYR B 136 -5.81 13.25 9.99
CA TYR B 136 -7.25 13.39 9.81
C TYR B 136 -7.60 14.58 8.93
N TYR B 137 -6.90 15.71 9.12
CA TYR B 137 -7.24 16.91 8.34
C TYR B 137 -6.99 16.67 6.86
N VAL B 138 -5.95 15.91 6.51
CA VAL B 138 -5.73 15.55 5.11
C VAL B 138 -6.89 14.73 4.58
N VAL B 139 -7.37 13.77 5.38
CA VAL B 139 -8.54 12.99 4.98
C VAL B 139 -9.77 13.89 4.91
N ASP B 140 -9.92 14.79 5.87
CA ASP B 140 -11.09 15.66 5.89
C ASP B 140 -11.15 16.53 4.65
N LEU B 141 -10.06 17.23 4.34
CA LEU B 141 -10.04 18.11 3.16
C LEU B 141 -10.09 17.30 1.87
N SER B 142 -9.63 16.05 1.89
CA SER B 142 -9.66 15.25 0.67
C SER B 142 -11.08 14.86 0.30
N VAL B 143 -11.92 14.58 1.30
CA VAL B 143 -13.30 14.21 1.01
C VAL B 143 -14.11 15.43 0.60
N ARG B 144 -14.00 16.53 1.34
CA ARG B 144 -14.74 17.74 1.00
C ARG B 144 -14.26 18.36 -0.31
N GLY B 145 -13.04 18.05 -0.73
CA GLY B 145 -12.53 18.57 -1.99
C GLY B 145 -13.02 17.77 -3.18
N MET B 146 -13.12 16.45 -3.03
CA MET B 146 -13.58 15.62 -4.15
C MET B 146 -15.10 15.60 -4.24
N LEU B 147 -15.81 15.69 -3.12
CA LEU B 147 -17.26 15.66 -3.16
C LEU B 147 -17.83 16.95 -3.74
N GLU B 148 -17.19 18.08 -3.45
CA GLU B 148 -17.65 19.35 -4.01
C GLU B 148 -17.31 19.45 -5.49
N ALA B 149 -16.06 19.14 -5.84
CA ALA B 149 -15.64 19.22 -7.24
C ALA B 149 -16.51 18.33 -8.12
N SER B 150 -16.82 17.12 -7.66
CA SER B 150 -17.61 16.19 -8.44
C SER B 150 -19.03 16.68 -8.70
N GLU B 151 -19.51 17.66 -7.93
CA GLU B 151 -20.82 18.23 -8.19
C GLU B 151 -20.92 18.81 -9.60
N GLY B 152 -19.80 19.14 -10.22
CA GLY B 152 -19.80 19.68 -11.57
C GLY B 152 -20.29 18.73 -12.63
N LEU B 153 -20.53 17.45 -12.28
CA LEU B 153 -21.07 16.49 -13.22
C LEU B 153 -22.58 16.35 -13.13
N ASP B 154 -23.19 16.86 -12.05
CA ASP B 154 -24.62 16.66 -11.85
C ASP B 154 -25.44 17.26 -12.99
N GLY B 155 -24.98 18.39 -13.54
CA GLY B 155 -25.73 19.04 -14.60
C GLY B 155 -25.91 18.16 -15.82
N TRP B 156 -24.80 17.63 -16.35
CA TRP B 156 -24.86 16.83 -17.57
C TRP B 156 -25.54 15.49 -17.34
N ILE B 157 -25.42 14.94 -16.13
CA ILE B 157 -25.96 13.62 -15.88
C ILE B 157 -27.48 13.67 -15.70
N HIS B 158 -28.02 14.78 -15.20
CA HIS B 158 -29.46 14.88 -15.04
C HIS B 158 -30.18 14.72 -16.38
N GLN B 159 -29.65 15.33 -17.44
CA GLN B 159 -30.25 15.18 -18.76
C GLN B 159 -30.03 13.79 -19.33
N GLN B 160 -28.94 13.13 -18.93
CA GLN B 160 -28.67 11.76 -19.35
C GLN B 160 -29.51 10.73 -18.61
N GLY B 161 -30.34 11.15 -17.65
CA GLY B 161 -31.21 10.27 -16.93
C GLY B 161 -30.75 9.92 -15.53
N GLY B 162 -29.49 10.20 -15.19
CA GLY B 162 -28.94 9.85 -13.90
C GLY B 162 -27.84 8.81 -14.04
N TRP B 163 -27.29 8.42 -12.88
CA TRP B 163 -26.20 7.46 -12.87
C TRP B 163 -26.68 6.04 -13.15
N SER B 164 -27.92 5.71 -12.77
CA SER B 164 -28.45 4.38 -13.03
C SER B 164 -28.67 4.17 -14.52
N THR B 165 -29.38 5.10 -15.18
CA THR B 165 -29.59 4.99 -16.62
C THR B 165 -28.28 5.06 -17.38
N LEU B 166 -27.29 5.77 -16.85
CA LEU B 166 -26.05 5.97 -17.57
C LEU B 166 -25.25 4.68 -17.71
N ILE B 167 -25.33 3.79 -16.73
CA ILE B 167 -24.57 2.54 -16.77
C ILE B 167 -25.35 1.44 -17.49
N GLU B 168 -26.68 1.47 -17.45
CA GLU B 168 -27.48 0.45 -18.12
C GLU B 168 -27.46 0.58 -19.63
N ASP B 169 -26.75 1.56 -20.18
CA ASP B 169 -26.51 1.67 -21.61
C ASP B 169 -25.04 1.45 -21.96
N ASN B 170 -24.18 1.21 -20.96
CA ASN B 170 -22.75 1.03 -21.19
C ASN B 170 -22.17 2.21 -21.96
N TYR C 16 41.18 9.95 9.37
CA TYR C 16 39.75 9.67 9.39
C TYR C 16 38.95 10.93 9.07
N SER C 17 38.51 11.04 7.82
CA SER C 17 37.75 12.19 7.37
C SER C 17 36.29 12.06 7.79
N THR C 18 35.53 13.14 7.54
CA THR C 18 34.10 13.12 7.84
C THR C 18 33.37 12.11 6.96
N ARG C 19 33.81 11.94 5.70
CA ARG C 19 33.19 10.97 4.82
C ARG C 19 33.26 9.56 5.39
N GLU C 20 34.39 9.21 6.02
CA GLU C 20 34.57 7.86 6.53
C GLU C 20 33.76 7.62 7.80
N ILE C 21 33.72 8.61 8.69
CA ILE C 21 33.05 8.41 9.97
C ILE C 21 31.54 8.40 9.80
N LEU C 22 31.02 9.23 8.87
CA LEU C 22 29.59 9.21 8.61
C LEU C 22 29.18 7.93 7.90
N LEU C 23 29.99 7.46 6.95
CA LEU C 23 29.71 6.19 6.30
C LEU C 23 29.72 5.05 7.32
N ALA C 24 30.78 4.97 8.13
CA ALA C 24 30.85 3.94 9.16
C ALA C 24 29.68 4.06 10.13
N LEU C 25 29.32 5.29 10.50
CA LEU C 25 28.18 5.50 11.39
C LEU C 25 26.90 4.92 10.81
N CYS C 26 26.69 5.08 9.51
CA CYS C 26 25.51 4.50 8.87
C CYS C 26 25.60 2.99 8.80
N ILE C 27 26.81 2.47 8.59
CA ILE C 27 27.01 1.02 8.62
C ILE C 27 26.79 0.49 10.03
N ARG C 28 27.25 1.23 11.04
CA ARG C 28 27.01 0.84 12.42
C ARG C 28 25.52 0.80 12.73
N ASP C 29 24.81 1.88 12.38
CA ASP C 29 23.40 1.98 12.74
C ASP C 29 22.57 0.85 12.14
N SER C 30 22.93 0.39 10.94
CA SER C 30 22.16 -0.67 10.30
C SER C 30 22.43 -2.03 10.93
N ARG C 31 23.66 -2.26 11.41
CA ARG C 31 23.96 -3.52 12.09
C ARG C 31 23.25 -3.60 13.44
N VAL C 32 23.01 -2.45 14.08
CA VAL C 32 22.37 -2.44 15.39
C VAL C 32 20.87 -2.72 15.30
N HIS C 33 20.25 -2.45 14.15
CA HIS C 33 18.79 -2.54 14.02
C HIS C 33 18.36 -3.82 13.31
N GLY C 34 19.05 -4.93 13.59
CA GLY C 34 18.56 -6.25 13.24
C GLY C 34 18.49 -6.57 11.75
N ASN C 35 18.96 -5.68 10.88
CA ASN C 35 18.93 -5.95 9.44
C ASN C 35 20.28 -6.52 9.04
N GLY C 36 20.36 -7.86 9.03
CA GLY C 36 21.58 -8.55 8.69
C GLY C 36 22.02 -8.37 7.25
N THR C 37 21.15 -7.87 6.38
CA THR C 37 21.47 -7.63 4.98
C THR C 37 21.75 -6.15 4.79
N LEU C 38 23.03 -5.80 4.63
CA LEU C 38 23.41 -4.41 4.40
C LEU C 38 23.12 -4.02 2.96
N HIS C 39 22.54 -2.83 2.80
CA HIS C 39 22.09 -2.40 1.49
C HIS C 39 23.25 -2.40 0.50
N PRO C 40 23.06 -2.87 -0.74
CA PRO C 40 24.17 -2.90 -1.69
C PRO C 40 24.92 -1.58 -1.84
N VAL C 41 24.20 -0.45 -1.81
CA VAL C 41 24.86 0.84 -1.98
C VAL C 41 25.87 1.08 -0.86
N LEU C 42 25.44 0.90 0.39
CA LEU C 42 26.36 1.08 1.51
C LEU C 42 27.50 0.06 1.44
N GLU C 43 27.20 -1.18 1.07
CA GLU C 43 28.25 -2.17 0.89
C GLU C 43 29.24 -1.72 -0.17
N LEU C 44 28.75 -1.17 -1.28
CA LEU C 44 29.63 -0.75 -2.36
C LEU C 44 30.41 0.50 -1.99
N ALA C 45 29.80 1.42 -1.24
CA ALA C 45 30.49 2.64 -0.84
C ALA C 45 31.74 2.33 -0.03
N ALA C 46 31.66 1.31 0.84
CA ALA C 46 32.81 0.92 1.64
C ALA C 46 33.95 0.38 0.78
N ARG C 47 33.65 -0.09 -0.43
CA ARG C 47 34.68 -0.54 -1.35
C ARG C 47 35.27 0.60 -2.17
N GLU C 48 34.42 1.50 -2.65
CA GLU C 48 34.87 2.65 -3.42
C GLU C 48 35.40 3.76 -2.51
N PRO C 50 38.92 2.06 0.96
CA PRO C 50 38.44 3.44 1.03
C PRO C 50 37.74 3.77 2.35
N LEU C 51 37.10 2.79 2.97
CA LEU C 51 36.57 2.94 4.32
C LEU C 51 37.60 2.32 5.27
N ARG C 52 38.53 3.15 5.73
CA ARG C 52 39.58 2.68 6.62
C ARG C 52 39.08 2.54 8.06
N LEU C 53 38.07 3.32 8.44
CA LEU C 53 37.55 3.30 9.79
C LEU C 53 36.61 2.12 9.98
N SER C 54 36.84 1.34 11.03
CA SER C 54 36.02 0.15 11.28
C SER C 54 34.68 0.57 11.88
N PRO C 55 33.56 0.07 11.37
CA PRO C 55 32.27 0.38 12.02
C PRO C 55 32.20 -0.04 13.47
N GLU C 56 33.03 -0.99 13.89
CA GLU C 56 33.08 -1.41 15.28
C GLU C 56 34.06 -0.58 16.11
N ASP C 57 34.77 0.35 15.49
CA ASP C 57 35.74 1.17 16.21
C ASP C 57 35.07 1.90 17.36
N THR C 58 35.78 1.99 18.48
CA THR C 58 35.23 2.64 19.67
C THR C 58 34.75 4.05 19.37
N VAL C 59 35.46 4.75 18.47
CA VAL C 59 35.06 6.11 18.11
C VAL C 59 33.66 6.11 17.52
N VAL C 60 33.37 5.15 16.64
CA VAL C 60 32.06 5.10 15.99
C VAL C 60 30.99 4.70 16.98
N LEU C 61 31.34 3.94 18.01
CA LEU C 61 30.35 3.55 19.03
C LEU C 61 29.96 4.74 19.88
N ARG C 62 30.91 5.59 20.24
CA ARG C 62 30.61 6.75 21.07
C ARG C 62 29.74 7.74 20.30
N TYR C 63 29.99 7.91 19.00
CA TYR C 63 29.19 8.85 18.21
C TYR C 63 27.82 8.26 17.87
N HIS C 64 27.75 6.96 17.58
CA HIS C 64 26.46 6.35 17.32
C HIS C 64 25.51 6.55 18.49
N VAL C 65 25.99 6.37 19.72
CA VAL C 65 25.17 6.63 20.89
C VAL C 65 24.80 8.10 20.97
N LEU C 66 25.74 8.99 20.62
CA LEU C 66 25.49 10.43 20.75
C LEU C 66 24.46 10.89 19.74
N LEU C 67 24.68 10.58 18.46
CA LEU C 67 23.73 11.01 17.43
C LEU C 67 22.35 10.40 17.67
N GLU C 68 22.30 9.15 18.11
CA GLU C 68 21.01 8.54 18.43
C GLU C 68 20.29 9.32 19.53
N GLU C 69 21.03 9.77 20.54
CA GLU C 69 20.42 10.61 21.57
C GLU C 69 19.89 11.91 20.99
N ILE C 70 20.56 12.44 19.96
CA ILE C 70 20.09 13.67 19.32
C ILE C 70 18.84 13.38 18.49
N ILE C 71 18.77 12.22 17.85
CA ILE C 71 17.61 11.87 17.06
C ILE C 71 16.38 11.75 17.95
N GLU C 72 16.50 11.03 19.06
CA GLU C 72 15.34 10.78 19.92
C GLU C 72 14.75 12.07 20.46
N ARG C 73 15.60 13.01 20.90
CA ARG C 73 15.09 14.28 21.41
C ARG C 73 14.53 15.16 20.30
N ASN C 74 14.94 14.93 19.05
CA ASN C 74 14.46 15.70 17.91
C ASN C 74 13.72 14.81 16.91
N SER C 75 13.11 13.73 17.39
CA SER C 75 12.44 12.78 16.50
C SER C 75 11.33 13.46 15.71
N GLU C 76 10.59 14.37 16.35
CA GLU C 76 9.51 15.06 15.66
C GLU C 76 10.07 15.93 14.53
N THR C 77 11.08 16.75 14.83
CA THR C 77 11.62 17.65 13.84
C THR C 77 12.31 16.91 12.71
N PHE C 78 13.08 15.87 13.04
CA PHE C 78 13.80 15.12 12.00
C PHE C 78 12.83 14.46 11.02
N THR C 79 11.74 13.87 11.54
CA THR C 79 10.76 13.24 10.67
C THR C 79 10.12 14.27 9.73
N GLU C 80 9.68 15.40 10.28
CA GLU C 80 8.98 16.39 9.47
C GLU C 80 9.89 16.94 8.37
N THR C 81 11.13 17.29 8.71
CA THR C 81 12.03 17.87 7.73
C THR C 81 12.43 16.85 6.67
N TRP C 82 12.73 15.61 7.09
CA TRP C 82 13.18 14.62 6.13
C TRP C 82 12.09 14.26 5.14
N ASN C 83 10.89 13.96 5.63
CA ASN C 83 9.79 13.65 4.73
C ASN C 83 9.55 14.81 3.77
N ARG C 84 9.43 16.03 4.30
CA ARG C 84 9.28 17.21 3.46
C ARG C 84 10.43 17.35 2.49
N PHE C 85 11.61 16.86 2.85
CA PHE C 85 12.75 16.94 1.96
C PHE C 85 12.67 15.92 0.83
N ILE C 86 12.40 14.65 1.17
CA ILE C 86 12.48 13.58 0.17
C ILE C 86 11.26 13.59 -0.75
N THR C 87 10.12 14.10 -0.28
CA THR C 87 8.91 14.14 -1.09
C THR C 87 8.86 15.34 -2.02
N HIS C 88 9.81 16.26 -1.92
CA HIS C 88 9.85 17.43 -2.79
C HIS C 88 11.10 17.52 -3.64
N THR C 89 12.13 16.72 -3.36
CA THR C 89 13.40 16.82 -4.07
C THR C 89 13.28 16.23 -5.48
N GLU C 90 13.83 16.96 -6.45
CA GLU C 90 14.02 16.43 -7.80
C GLU C 90 15.48 16.15 -8.11
N HIS C 91 16.40 16.54 -7.23
CA HIS C 91 17.83 16.23 -7.33
C HIS C 91 18.34 16.03 -5.90
N VAL C 92 18.07 14.85 -5.35
CA VAL C 92 18.37 14.58 -3.95
C VAL C 92 19.85 14.76 -3.65
N ASP C 93 20.71 14.52 -4.64
CA ASP C 93 22.15 14.74 -4.46
C ASP C 93 22.46 16.22 -4.27
N LEU C 94 22.04 17.05 -5.22
CA LEU C 94 22.30 18.48 -5.13
C LEU C 94 21.59 19.12 -3.94
N ASP C 95 20.41 18.61 -3.57
CA ASP C 95 19.66 19.23 -2.49
C ASP C 95 20.30 18.97 -1.12
N PHE C 96 20.97 17.83 -0.95
CA PHE C 96 21.77 17.65 0.26
C PHE C 96 22.81 18.75 0.37
N ASN C 97 23.70 18.83 -0.62
CA ASN C 97 24.74 19.86 -0.63
C ASN C 97 24.15 21.26 -0.47
N SER C 98 22.91 21.46 -0.90
CA SER C 98 22.26 22.77 -0.75
C SER C 98 21.84 23.02 0.70
N VAL C 99 21.20 22.04 1.34
CA VAL C 99 20.84 22.19 2.75
C VAL C 99 22.09 22.39 3.61
N PHE C 100 23.16 21.67 3.27
CA PHE C 100 24.39 21.79 4.04
C PHE C 100 24.99 23.19 3.93
N LEU C 101 25.00 23.76 2.73
CA LEU C 101 25.59 25.08 2.52
C LEU C 101 24.73 26.16 3.17
N GLU C 102 23.40 26.02 3.12
CA GLU C 102 22.52 27.00 3.75
C GLU C 102 22.63 26.99 5.27
N ILE C 103 23.19 25.93 5.85
CA ILE C 103 23.35 25.84 7.30
C ILE C 103 24.64 26.51 7.76
N PHE C 104 25.76 26.21 7.09
CA PHE C 104 27.07 26.58 7.60
C PHE C 104 27.70 27.75 6.86
N HIS C 105 27.24 28.06 5.65
CA HIS C 105 27.82 29.15 4.84
C HIS C 105 29.29 28.78 4.62
N ARG C 106 30.23 29.68 4.87
CA ARG C 106 31.66 29.40 4.67
C ARG C 106 32.48 29.60 5.94
N GLY C 107 31.83 29.70 7.09
CA GLY C 107 32.51 29.95 8.35
C GLY C 107 32.63 28.71 9.22
N ASP C 108 33.34 28.88 10.33
CA ASP C 108 33.55 27.79 11.28
C ASP C 108 32.21 27.35 11.87
N PRO C 109 31.83 26.08 11.75
CA PRO C 109 30.61 25.62 12.41
C PRO C 109 30.79 25.51 13.92
N SER C 110 29.66 25.57 14.63
CA SER C 110 29.63 25.26 16.04
C SER C 110 29.42 23.76 16.23
N LEU C 111 29.95 23.23 17.34
CA LEU C 111 29.84 21.80 17.59
C LEU C 111 28.39 21.34 17.55
N GLY C 112 27.48 22.12 18.14
CA GLY C 112 26.08 21.72 18.18
C GLY C 112 25.47 21.60 16.79
N ARG C 113 25.77 22.55 15.91
CA ARG C 113 25.22 22.50 14.56
C ARG C 113 25.86 21.40 13.73
N ALA C 114 27.10 21.03 14.04
CA ALA C 114 27.76 19.94 13.31
C ALA C 114 27.16 18.59 13.70
N LEU C 115 27.01 18.34 15.00
CA LEU C 115 26.44 17.07 15.46
C LEU C 115 25.00 16.92 14.99
N ALA C 116 24.26 18.01 14.87
CA ALA C 116 22.88 17.93 14.40
C ALA C 116 22.82 17.49 12.94
N TRP C 117 23.73 18.01 12.11
CA TRP C 117 23.78 17.60 10.71
C TRP C 117 24.16 16.12 10.61
N MET C 118 25.18 15.71 11.36
CA MET C 118 25.59 14.31 11.36
C MET C 118 24.45 13.41 11.82
N ALA C 119 23.69 13.85 12.84
CA ALA C 119 22.57 13.06 13.32
C ALA C 119 21.42 13.05 12.32
N TRP C 120 21.30 14.11 11.51
CA TRP C 120 20.25 14.17 10.51
C TRP C 120 20.56 13.27 9.32
N CYS C 121 21.84 13.15 8.97
CA CYS C 121 22.22 12.27 7.87
C CYS C 121 22.02 10.81 8.25
N MET C 122 22.47 10.42 9.45
CA MET C 122 22.25 9.05 9.91
C MET C 122 20.77 8.70 9.91
N HIS C 123 19.94 9.60 10.45
CA HIS C 123 18.49 9.36 10.45
C HIS C 123 17.98 9.18 9.02
N ALA C 124 18.45 10.00 8.09
CA ALA C 124 18.04 9.86 6.70
C ALA C 124 18.38 8.47 6.16
N CYS C 125 19.62 8.02 6.36
CA CYS C 125 20.02 6.71 5.86
C CYS C 125 19.25 5.60 6.56
N ARG C 126 18.87 5.79 7.82
CA ARG C 126 18.07 4.80 8.51
C ARG C 126 16.72 4.60 7.82
N THR C 127 16.15 5.68 7.26
CA THR C 127 14.87 5.58 6.57
C THR C 127 15.01 4.82 5.25
N LEU C 128 16.15 4.98 4.57
CA LEU C 128 16.35 4.39 3.26
C LEU C 128 17.08 3.06 3.28
N CYS C 129 17.76 2.73 4.38
CA CYS C 129 18.61 1.54 4.41
C CYS C 129 17.78 0.26 4.44
N CYS C 130 16.89 0.13 5.42
CA CYS C 130 16.24 -1.12 5.73
C CYS C 130 14.87 -1.28 5.06
N ASN C 131 14.47 -0.33 4.23
CA ASN C 131 13.15 -0.41 3.61
C ASN C 131 13.11 -1.55 2.58
N GLN C 132 11.92 -1.79 2.06
CA GLN C 132 11.70 -2.79 1.01
C GLN C 132 11.16 -2.19 -0.28
N SER C 133 10.72 -0.92 -0.26
CA SER C 133 10.18 -0.28 -1.45
C SER C 133 11.02 0.90 -1.94
N THR C 134 11.92 1.42 -1.11
CA THR C 134 12.72 2.57 -1.49
C THR C 134 13.52 2.26 -2.76
N PRO C 135 13.37 3.05 -3.83
CA PRO C 135 14.15 2.79 -5.04
C PRO C 135 15.64 2.89 -4.76
N TYR C 136 16.42 2.06 -5.47
CA TYR C 136 17.87 2.08 -5.31
C TYR C 136 18.45 3.44 -5.67
N TYR C 137 17.98 4.05 -6.75
CA TYR C 137 18.54 5.34 -7.17
C TYR C 137 18.37 6.39 -6.07
N VAL C 138 17.25 6.34 -5.35
CA VAL C 138 17.07 7.25 -4.22
C VAL C 138 18.14 7.01 -3.17
N VAL C 139 18.42 5.73 -2.88
CA VAL C 139 19.44 5.40 -1.88
C VAL C 139 20.82 5.79 -2.40
N ASP C 140 21.12 5.45 -3.66
CA ASP C 140 22.43 5.75 -4.23
C ASP C 140 22.73 7.24 -4.15
N LEU C 141 21.82 8.05 -4.70
CA LEU C 141 22.04 9.50 -4.67
C LEU C 141 21.97 10.03 -3.26
N SER C 142 21.25 9.35 -2.37
CA SER C 142 21.17 9.86 -1.00
C SER C 142 22.49 9.67 -0.27
N VAL C 143 23.08 8.47 -0.34
CA VAL C 143 24.35 8.25 0.33
C VAL C 143 25.44 9.12 -0.27
N ARG C 144 25.36 9.39 -1.57
CA ARG C 144 26.42 10.13 -2.25
C ARG C 144 26.43 11.59 -1.84
N GLY C 145 25.24 12.19 -1.65
CA GLY C 145 25.19 13.60 -1.32
C GLY C 145 25.61 13.90 0.10
N MET C 146 25.12 13.11 1.07
CA MET C 146 25.48 13.36 2.46
C MET C 146 26.98 13.20 2.68
N LEU C 147 27.62 12.28 1.96
CA LEU C 147 29.06 12.09 2.10
C LEU C 147 29.84 13.18 1.39
N GLU C 148 29.35 13.63 0.23
CA GLU C 148 30.01 14.74 -0.45
C GLU C 148 29.79 16.06 0.29
N ALA C 149 28.57 16.29 0.78
CA ALA C 149 28.28 17.52 1.49
C ALA C 149 29.00 17.58 2.84
N SER C 150 29.18 16.44 3.50
CA SER C 150 29.78 16.43 4.82
C SER C 150 31.28 16.71 4.77
N GLU C 151 31.91 16.58 3.60
CA GLU C 151 33.33 16.88 3.48
C GLU C 151 33.64 18.33 3.83
N GLY C 152 32.66 19.22 3.72
CA GLY C 152 32.86 20.62 4.07
C GLY C 152 33.24 20.86 5.51
N LEU C 153 33.11 19.86 6.38
CA LEU C 153 33.47 19.98 7.79
C LEU C 153 34.88 19.50 8.08
N ASP C 154 35.58 18.96 7.09
CA ASP C 154 36.93 18.45 7.33
C ASP C 154 37.87 19.55 7.82
N GLY C 155 37.75 20.75 7.24
CA GLY C 155 38.65 21.83 7.61
C GLY C 155 38.56 22.19 9.08
N TRP C 156 37.35 22.37 9.59
CA TRP C 156 37.19 22.80 10.97
C TRP C 156 37.50 21.67 11.94
N ILE C 157 37.15 20.43 11.58
CA ILE C 157 37.42 19.30 12.46
C ILE C 157 38.93 19.10 12.62
N HIS C 158 39.66 19.15 11.50
CA HIS C 158 41.13 19.05 11.58
C HIS C 158 41.70 20.10 12.52
N GLN C 159 41.33 21.36 12.31
CA GLN C 159 41.71 22.43 13.23
C GLN C 159 41.31 22.09 14.66
N GLN C 160 40.18 21.40 14.84
CA GLN C 160 39.67 21.08 16.16
C GLN C 160 40.30 19.83 16.77
N GLY C 161 41.23 19.18 16.06
CA GLY C 161 41.93 18.03 16.59
C GLY C 161 41.40 16.69 16.13
N GLY C 162 40.31 16.67 15.36
CA GLY C 162 39.74 15.43 14.88
C GLY C 162 38.48 15.05 15.64
N TRP C 163 37.73 14.12 15.05
CA TRP C 163 36.48 13.67 15.67
C TRP C 163 36.74 12.96 17.00
N SER C 164 37.79 12.12 17.05
CA SER C 164 38.04 11.34 18.26
C SER C 164 38.25 12.24 19.47
N THR C 165 39.20 13.18 19.37
CA THR C 165 39.49 14.08 20.48
C THR C 165 38.41 15.15 20.68
N LEU C 166 37.46 15.26 19.77
CA LEU C 166 36.45 16.31 19.88
C LEU C 166 35.48 16.06 21.03
N ILE C 167 35.30 14.80 21.42
CA ILE C 167 34.40 14.44 22.51
C ILE C 167 35.16 13.90 23.71
N GLU C 168 36.15 13.05 23.48
CA GLU C 168 36.91 12.42 24.56
C GLU C 168 36.01 11.53 25.40
N MET D 14 -29.14 20.02 21.99
CA MET D 14 -28.99 18.57 21.63
C MET D 14 -27.95 17.91 22.51
N ALA D 15 -26.84 18.62 22.76
CA ALA D 15 -25.78 18.15 23.63
C ALA D 15 -25.52 19.18 24.70
N TYR D 16 -25.58 18.75 25.97
CA TYR D 16 -25.49 19.69 27.09
C TYR D 16 -24.38 19.29 28.07
N SER D 17 -24.56 18.16 28.75
CA SER D 17 -23.62 17.76 29.79
C SER D 17 -22.23 17.51 29.21
N THR D 18 -21.22 18.04 29.90
CA THR D 18 -19.84 17.79 29.50
C THR D 18 -19.39 16.38 29.85
N ARG D 19 -19.92 15.82 30.93
CA ARG D 19 -19.59 14.44 31.29
C ARG D 19 -20.13 13.47 30.25
N GLU D 20 -21.32 13.72 29.73
CA GLU D 20 -21.92 12.81 28.76
C GLU D 20 -21.15 12.81 27.45
N ILE D 21 -20.84 13.99 26.92
CA ILE D 21 -20.19 14.06 25.61
C ILE D 21 -18.73 13.63 25.72
N LEU D 22 -18.06 13.98 26.82
CA LEU D 22 -16.67 13.56 26.99
C LEU D 22 -16.58 12.04 27.09
N LEU D 23 -17.45 11.43 27.89
CA LEU D 23 -17.47 9.98 27.99
C LEU D 23 -17.92 9.36 26.67
N ALA D 24 -18.89 9.99 26.00
CA ALA D 24 -19.29 9.54 24.67
C ALA D 24 -18.10 9.52 23.72
N LEU D 25 -17.27 10.58 23.77
CA LEU D 25 -16.08 10.62 22.93
C LEU D 25 -15.10 9.53 23.32
N CYS D 26 -14.95 9.27 24.62
CA CYS D 26 -14.05 8.21 25.06
C CYS D 26 -14.53 6.85 24.58
N ILE D 27 -15.83 6.58 24.69
CA ILE D 27 -16.38 5.34 24.14
C ILE D 27 -16.22 5.33 22.62
N ARG D 28 -16.53 6.45 21.97
CA ARG D 28 -16.37 6.53 20.53
C ARG D 28 -14.92 6.29 20.11
N ASP D 29 -14.00 7.03 20.72
CA ASP D 29 -12.58 6.87 20.38
C ASP D 29 -12.13 5.43 20.58
N SER D 30 -12.66 4.75 21.60
CA SER D 30 -12.25 3.39 21.88
C SER D 30 -12.67 2.44 20.76
N ARG D 31 -13.92 2.55 20.31
CA ARG D 31 -14.46 1.64 19.32
C ARG D 31 -14.10 2.04 17.90
N VAL D 32 -13.42 3.16 17.71
CA VAL D 32 -12.86 3.47 16.40
C VAL D 32 -11.50 2.80 16.25
N HIS D 33 -10.81 2.56 17.37
CA HIS D 33 -9.47 1.98 17.35
C HIS D 33 -9.47 0.46 17.41
N GLY D 34 -10.55 -0.19 16.96
CA GLY D 34 -10.57 -1.62 16.80
C GLY D 34 -10.84 -2.42 18.06
N ASN D 35 -10.59 -1.86 19.24
CA ASN D 35 -10.79 -2.59 20.48
C ASN D 35 -12.21 -3.17 20.53
N GLY D 36 -12.29 -4.50 20.52
CA GLY D 36 -13.57 -5.18 20.48
C GLY D 36 -14.44 -4.89 21.69
N THR D 37 -13.95 -5.18 22.88
CA THR D 37 -14.70 -5.02 24.11
C THR D 37 -14.36 -3.69 24.77
N LEU D 38 -15.39 -3.02 25.28
CA LEU D 38 -15.21 -1.75 25.97
C LEU D 38 -14.69 -2.00 27.39
N HIS D 39 -13.74 -1.18 27.80
CA HIS D 39 -13.12 -1.36 29.11
C HIS D 39 -14.20 -1.32 30.19
N PRO D 40 -14.15 -2.24 31.18
CA PRO D 40 -15.19 -2.24 32.21
C PRO D 40 -15.35 -0.91 32.93
N VAL D 41 -14.29 -0.11 33.02
CA VAL D 41 -14.42 1.22 33.62
C VAL D 41 -15.31 2.10 32.77
N LEU D 42 -15.22 1.97 31.45
CA LEU D 42 -16.06 2.75 30.55
C LEU D 42 -17.48 2.18 30.49
N GLU D 43 -17.60 0.86 30.35
CA GLU D 43 -18.91 0.23 30.34
C GLU D 43 -19.66 0.51 31.64
N LEU D 44 -18.94 0.64 32.76
CA LEU D 44 -19.59 0.92 34.03
C LEU D 44 -20.00 2.39 34.14
N ALA D 45 -19.15 3.30 33.66
CA ALA D 45 -19.48 4.72 33.70
C ALA D 45 -20.71 5.03 32.87
N ALA D 46 -20.89 4.33 31.75
CA ALA D 46 -22.04 4.56 30.88
C ALA D 46 -23.36 4.20 31.56
N ARG D 47 -23.34 3.36 32.59
CA ARG D 47 -24.55 2.92 33.27
C ARG D 47 -24.82 3.68 34.57
N GLU D 48 -23.79 3.95 35.37
CA GLU D 48 -23.99 4.67 36.62
C GLU D 48 -24.59 6.05 36.36
N THR D 49 -23.90 6.87 35.56
CA THR D 49 -24.46 8.12 35.08
C THR D 49 -25.07 7.87 33.71
N PRO D 50 -26.37 7.56 33.62
CA PRO D 50 -26.94 7.15 32.32
C PRO D 50 -26.73 8.19 31.23
N LEU D 51 -25.91 7.86 30.24
CA LEU D 51 -25.63 8.77 29.13
C LEU D 51 -26.79 8.69 28.13
N ARG D 52 -27.53 9.79 28.00
CA ARG D 52 -28.57 9.88 26.98
C ARG D 52 -28.01 10.22 25.61
N LEU D 53 -26.71 10.51 25.52
CA LEU D 53 -26.06 10.87 24.27
C LEU D 53 -25.32 9.64 23.73
N SER D 54 -25.68 9.22 22.52
CA SER D 54 -25.10 8.02 21.94
C SER D 54 -23.68 8.31 21.44
N PRO D 55 -22.74 7.37 21.60
CA PRO D 55 -21.41 7.59 21.01
C PRO D 55 -21.43 7.74 19.50
N GLU D 56 -22.43 7.17 18.82
CA GLU D 56 -22.57 7.29 17.38
C GLU D 56 -23.35 8.53 16.95
N ASP D 57 -23.70 9.40 17.90
CA ASP D 57 -24.47 10.60 17.57
C ASP D 57 -23.64 11.54 16.71
N THR D 58 -24.33 12.31 15.86
CA THR D 58 -23.64 13.19 14.93
C THR D 58 -22.75 14.19 15.68
N VAL D 59 -23.24 14.74 16.79
CA VAL D 59 -22.45 15.72 17.54
C VAL D 59 -21.17 15.09 18.04
N VAL D 60 -21.22 13.81 18.42
CA VAL D 60 -20.02 13.13 18.89
C VAL D 60 -19.05 12.89 17.74
N LEU D 61 -19.56 12.36 16.62
CA LEU D 61 -18.71 12.15 15.45
C LEU D 61 -18.14 13.48 14.95
N ARG D 62 -18.93 14.55 15.03
CA ARG D 62 -18.44 15.87 14.64
C ARG D 62 -17.36 16.36 15.59
N TYR D 63 -17.46 16.00 16.88
CA TYR D 63 -16.44 16.40 17.84
C TYR D 63 -15.23 15.47 17.84
N HIS D 64 -15.44 14.18 17.56
CA HIS D 64 -14.33 13.24 17.55
C HIS D 64 -13.31 13.63 16.50
N VAL D 65 -13.76 13.95 15.29
CA VAL D 65 -12.84 14.37 14.23
C VAL D 65 -12.09 15.62 14.65
N LEU D 66 -12.82 16.61 15.18
CA LEU D 66 -12.21 17.89 15.50
C LEU D 66 -11.17 17.74 16.60
N LEU D 67 -11.42 16.87 17.57
CA LEU D 67 -10.49 16.70 18.68
C LEU D 67 -9.28 15.85 18.30
N GLU D 68 -9.45 14.91 17.36
CA GLU D 68 -8.31 14.14 16.87
C GLU D 68 -7.31 15.04 16.15
N GLU D 69 -7.81 16.03 15.41
CA GLU D 69 -6.93 16.94 14.69
C GLU D 69 -6.08 17.77 15.65
N ILE D 70 -6.66 18.15 16.79
CA ILE D 70 -5.90 18.89 17.80
C ILE D 70 -4.76 18.03 18.34
N ILE D 71 -5.05 16.76 18.63
CA ILE D 71 -4.01 15.86 19.14
C ILE D 71 -2.88 15.74 18.14
N GLU D 72 -3.21 15.67 16.85
CA GLU D 72 -2.19 15.50 15.82
C GLU D 72 -1.31 16.75 15.70
N ARG D 73 -1.93 17.94 15.76
CA ARG D 73 -1.15 19.17 15.69
C ARG D 73 -0.25 19.34 16.91
N ASN D 74 -0.65 18.80 18.05
CA ASN D 74 0.10 18.90 19.30
C ASN D 74 0.45 17.52 19.85
N SER D 75 0.79 16.60 18.96
CA SER D 75 1.11 15.23 19.40
C SER D 75 2.31 15.23 20.34
N GLU D 76 3.35 15.97 20.02
CA GLU D 76 4.56 15.96 20.84
C GLU D 76 4.28 16.52 22.23
N THR D 77 3.45 17.56 22.33
CA THR D 77 3.13 18.14 23.62
C THR D 77 2.26 17.20 24.45
N PHE D 78 1.11 16.79 23.89
CA PHE D 78 0.18 15.95 24.64
C PHE D 78 0.85 14.70 25.18
N THR D 79 1.75 14.10 24.40
CA THR D 79 2.44 12.89 24.86
C THR D 79 3.35 13.20 26.04
N GLU D 80 4.07 14.32 25.97
CA GLU D 80 5.00 14.68 27.04
C GLU D 80 4.25 15.12 28.29
N THR D 81 3.25 15.99 28.13
CA THR D 81 2.52 16.50 29.28
C THR D 81 1.79 15.37 30.03
N TRP D 82 1.24 14.41 29.28
CA TRP D 82 0.49 13.33 29.91
C TRP D 82 1.42 12.34 30.60
N ASN D 83 2.48 11.91 29.90
CA ASN D 83 3.38 10.91 30.44
C ASN D 83 4.13 11.40 31.68
N ARG D 84 4.10 12.69 31.98
CA ARG D 84 4.62 13.19 33.25
C ARG D 84 3.51 13.45 34.26
N PHE D 85 2.29 13.70 33.80
CA PHE D 85 1.16 13.85 34.72
C PHE D 85 0.85 12.55 35.44
N ILE D 86 1.07 11.41 34.78
CA ILE D 86 0.66 10.11 35.32
C ILE D 86 1.81 9.37 36.01
N THR D 87 3.06 9.66 35.67
CA THR D 87 4.18 8.97 36.29
C THR D 87 4.58 9.56 37.62
N HIS D 88 4.15 10.78 37.94
CA HIS D 88 4.49 11.43 39.20
C HIS D 88 3.29 11.63 40.11
N THR D 89 2.12 11.11 39.73
CA THR D 89 0.91 11.35 40.50
C THR D 89 0.71 10.27 41.57
N GLU D 90 0.12 10.69 42.68
CA GLU D 90 -0.33 9.76 43.72
C GLU D 90 -1.83 9.91 44.00
N HIS D 91 -2.50 10.87 43.36
CA HIS D 91 -3.95 11.06 43.48
C HIS D 91 -4.43 11.52 42.10
N VAL D 92 -4.87 10.56 41.28
CA VAL D 92 -5.22 10.87 39.90
C VAL D 92 -6.52 11.66 39.84
N ASP D 93 -7.56 11.17 40.52
CA ASP D 93 -8.84 11.87 40.52
C ASP D 93 -8.71 13.28 41.10
N LEU D 94 -7.72 13.49 41.98
CA LEU D 94 -7.52 14.80 42.59
C LEU D 94 -6.64 15.71 41.74
N ASP D 95 -5.70 15.14 40.98
CA ASP D 95 -4.83 15.96 40.15
C ASP D 95 -5.52 16.41 38.86
N PHE D 96 -6.45 15.60 38.34
CA PHE D 96 -7.23 16.03 37.19
C PHE D 96 -7.95 17.34 37.49
N ASN D 97 -8.55 17.44 38.68
CA ASN D 97 -9.16 18.71 39.08
C ASN D 97 -8.11 19.80 39.25
N SER D 98 -6.97 19.45 39.87
CA SER D 98 -5.92 20.45 40.09
C SER D 98 -5.50 21.09 38.78
N VAL D 99 -5.22 20.29 37.76
CA VAL D 99 -4.85 20.83 36.45
C VAL D 99 -6.01 21.64 35.88
N PHE D 100 -7.23 21.15 36.06
CA PHE D 100 -8.40 21.82 35.47
C PHE D 100 -8.54 23.24 35.98
N LEU D 101 -8.81 23.40 37.28
CA LEU D 101 -9.04 24.74 37.82
C LEU D 101 -7.84 25.66 37.63
N GLU D 102 -6.64 25.10 37.42
CA GLU D 102 -5.48 25.94 37.16
C GLU D 102 -5.58 26.60 35.80
N ILE D 103 -6.08 25.86 34.80
CA ILE D 103 -6.36 26.47 33.49
C ILE D 103 -7.39 27.58 33.65
N PHE D 104 -8.36 27.40 34.54
CA PHE D 104 -9.47 28.34 34.72
C PHE D 104 -9.44 28.96 36.11
N HIS D 105 -8.25 29.14 36.68
CA HIS D 105 -8.14 29.78 37.99
C HIS D 105 -8.40 31.28 37.90
N ARG D 106 -8.08 31.89 36.76
CA ARG D 106 -8.29 33.31 36.54
C ARG D 106 -9.02 33.49 35.22
N GLY D 107 -10.13 34.21 35.26
CA GLY D 107 -10.92 34.48 34.09
C GLY D 107 -11.80 33.30 33.69
N ASP D 108 -12.66 33.54 32.71
CA ASP D 108 -13.59 32.53 32.24
C ASP D 108 -12.96 31.67 31.15
N PRO D 109 -13.53 30.50 30.86
CA PRO D 109 -12.96 29.65 29.81
C PRO D 109 -13.05 30.30 28.44
N SER D 110 -12.05 30.00 27.61
CA SER D 110 -12.06 30.37 26.21
C SER D 110 -12.46 29.17 25.36
N LEU D 111 -12.92 29.46 24.14
CA LEU D 111 -13.28 28.37 23.23
C LEU D 111 -12.07 27.49 22.95
N GLY D 112 -10.90 28.10 22.72
CA GLY D 112 -9.70 27.32 22.48
C GLY D 112 -9.22 26.59 23.71
N ARG D 113 -9.29 27.24 24.87
CA ARG D 113 -8.90 26.60 26.13
C ARG D 113 -9.83 25.45 26.49
N ALA D 114 -11.08 25.46 26.01
CA ALA D 114 -12.00 24.39 26.28
C ALA D 114 -11.75 23.18 25.39
N LEU D 115 -11.35 23.41 24.14
CA LEU D 115 -11.10 22.31 23.22
C LEU D 115 -9.76 21.63 23.50
N ALA D 116 -8.78 22.38 24.03
CA ALA D 116 -7.49 21.78 24.34
C ALA D 116 -7.59 20.83 25.53
N TRP D 117 -8.39 21.19 26.53
CA TRP D 117 -8.60 20.31 27.68
C TRP D 117 -9.31 19.03 27.26
N MET D 118 -10.41 19.16 26.50
CA MET D 118 -11.16 17.98 26.06
C MET D 118 -10.28 17.07 25.21
N ALA D 119 -9.44 17.65 24.36
CA ALA D 119 -8.56 16.84 23.52
C ALA D 119 -7.52 16.12 24.37
N TRP D 120 -7.00 16.79 25.41
CA TRP D 120 -6.03 16.17 26.29
C TRP D 120 -6.64 15.02 27.07
N CYS D 121 -7.91 15.15 27.46
CA CYS D 121 -8.59 14.07 28.16
C CYS D 121 -8.81 12.87 27.25
N MET D 122 -9.37 13.10 26.07
CA MET D 122 -9.61 12.00 25.13
C MET D 122 -8.30 11.31 24.78
N HIS D 123 -7.22 12.07 24.59
CA HIS D 123 -5.93 11.46 24.36
C HIS D 123 -5.49 10.64 25.57
N ALA D 124 -5.78 11.13 26.77
CA ALA D 124 -5.41 10.41 27.98
C ALA D 124 -6.14 9.08 28.06
N CYS D 125 -7.47 9.11 27.88
CA CYS D 125 -8.26 7.88 27.96
C CYS D 125 -7.81 6.87 26.91
N ARG D 126 -7.31 7.35 25.77
CA ARG D 126 -6.86 6.45 24.71
C ARG D 126 -5.74 5.53 25.22
N THR D 127 -4.75 6.12 25.89
CA THR D 127 -3.62 5.34 26.40
C THR D 127 -4.01 4.40 27.54
N LEU D 128 -5.23 4.52 28.07
CA LEU D 128 -5.66 3.73 29.22
C LEU D 128 -6.56 2.57 28.81
N CYS D 129 -7.65 2.86 28.09
CA CYS D 129 -8.57 1.81 27.66
C CYS D 129 -7.91 0.84 26.70
N CYS D 130 -6.83 1.25 26.03
CA CYS D 130 -6.25 0.44 24.96
C CYS D 130 -5.64 -0.85 25.49
N ASN D 131 -4.66 -0.73 26.39
CA ASN D 131 -3.77 -1.83 26.69
C ASN D 131 -4.30 -2.70 27.82
N GLN D 132 -3.81 -3.94 27.84
CA GLN D 132 -4.06 -4.86 28.95
C GLN D 132 -3.06 -4.69 30.09
N SER D 133 -1.97 -3.96 29.87
CA SER D 133 -0.97 -3.72 30.91
C SER D 133 -1.42 -2.65 31.90
N THR D 134 -2.40 -1.85 31.54
CA THR D 134 -2.83 -0.73 32.39
C THR D 134 -3.63 -1.27 33.57
N PRO D 135 -3.20 -1.05 34.81
CA PRO D 135 -4.00 -1.49 35.96
C PRO D 135 -5.39 -0.88 35.93
N TYR D 136 -6.37 -1.67 36.38
CA TYR D 136 -7.76 -1.20 36.36
C TYR D 136 -7.94 0.06 37.19
N TYR D 137 -7.26 0.15 38.35
CA TYR D 137 -7.47 1.29 39.23
C TYR D 137 -6.92 2.57 38.62
N VAL D 138 -5.89 2.48 37.79
CA VAL D 138 -5.40 3.66 37.08
C VAL D 138 -6.47 4.16 36.11
N VAL D 139 -7.13 3.24 35.40
CA VAL D 139 -8.21 3.63 34.52
C VAL D 139 -9.37 4.21 35.33
N ASP D 140 -9.65 3.63 36.49
CA ASP D 140 -10.78 4.06 37.29
C ASP D 140 -10.64 5.52 37.72
N LEU D 141 -9.54 5.84 38.41
CA LEU D 141 -9.34 7.19 38.90
C LEU D 141 -9.17 8.20 37.76
N SER D 142 -8.60 7.76 36.63
CA SER D 142 -8.43 8.65 35.49
C SER D 142 -9.78 9.02 34.88
N VAL D 143 -10.64 8.03 34.67
CA VAL D 143 -11.96 8.30 34.10
C VAL D 143 -12.80 9.11 35.07
N ARG D 144 -12.88 8.66 36.33
CA ARG D 144 -13.65 9.40 37.33
C ARG D 144 -13.06 10.78 37.57
N GLY D 145 -11.76 10.94 37.35
CA GLY D 145 -11.14 12.24 37.57
C GLY D 145 -11.50 13.24 36.47
N MET D 146 -11.25 12.88 35.21
CA MET D 146 -11.48 13.81 34.12
C MET D 146 -12.95 14.17 34.01
N LEU D 147 -13.84 13.20 34.17
CA LEU D 147 -15.27 13.46 34.02
C LEU D 147 -15.77 14.42 35.10
N GLU D 148 -15.41 14.16 36.35
CA GLU D 148 -15.83 15.04 37.44
C GLU D 148 -15.10 16.38 37.36
N ALA D 149 -13.81 16.36 36.97
CA ALA D 149 -13.08 17.60 36.82
C ALA D 149 -13.57 18.40 35.62
N SER D 150 -13.93 17.71 34.54
CA SER D 150 -14.45 18.37 33.35
C SER D 150 -15.90 18.83 33.52
N GLU D 151 -16.54 18.52 34.64
CA GLU D 151 -17.90 18.98 34.87
C GLU D 151 -17.96 20.44 35.26
N GLY D 152 -16.86 20.99 35.79
CA GLY D 152 -16.78 22.42 36.05
C GLY D 152 -16.77 23.30 34.82
N LEU D 153 -16.75 22.68 33.63
CA LEU D 153 -16.79 23.41 32.37
C LEU D 153 -18.19 23.54 31.79
N ASP D 154 -19.10 22.61 32.10
CA ASP D 154 -20.43 22.68 31.53
C ASP D 154 -21.20 23.90 32.03
N GLY D 155 -20.75 24.55 33.10
CA GLY D 155 -21.41 25.77 33.55
C GLY D 155 -21.29 26.89 32.55
N TRP D 156 -20.11 27.06 31.96
CA TRP D 156 -19.91 28.07 30.93
C TRP D 156 -20.52 27.67 29.59
N ILE D 157 -20.69 26.37 29.33
CA ILE D 157 -21.26 25.93 28.07
C ILE D 157 -22.69 26.42 27.93
N HIS D 158 -23.43 26.50 29.03
CA HIS D 158 -24.81 26.97 28.95
C HIS D 158 -24.88 28.43 28.48
N GLN D 159 -23.85 29.22 28.81
CA GLN D 159 -23.76 30.59 28.29
C GLN D 159 -23.37 30.63 26.82
N GLN D 160 -23.12 29.48 26.20
CA GLN D 160 -22.79 29.40 24.78
C GLN D 160 -23.83 28.63 23.97
N GLY D 161 -24.89 28.14 24.61
CA GLY D 161 -25.93 27.41 23.90
C GLY D 161 -25.70 25.93 23.78
N GLY D 162 -24.82 25.35 24.60
CA GLY D 162 -24.52 23.93 24.53
C GLY D 162 -23.29 23.65 23.69
N TRP D 163 -22.98 22.36 23.58
CA TRP D 163 -21.85 21.94 22.77
C TRP D 163 -22.18 21.99 21.28
N SER D 164 -23.40 21.58 20.91
CA SER D 164 -23.81 21.63 19.51
C SER D 164 -23.79 23.06 18.98
N THR D 165 -24.33 24.01 19.76
CA THR D 165 -24.34 25.40 19.35
C THR D 165 -22.93 25.95 19.26
N LEU D 166 -22.05 25.55 20.20
CA LEU D 166 -20.70 26.09 20.23
C LEU D 166 -19.95 25.76 18.95
N ILE D 167 -20.06 24.51 18.47
CA ILE D 167 -19.36 24.10 17.26
C ILE D 167 -20.12 24.47 15.98
N GLU D 168 -21.46 24.45 16.02
CA GLU D 168 -22.24 24.83 14.84
C GLU D 168 -22.05 26.30 14.50
N ASP D 169 -21.80 27.14 15.49
CA ASP D 169 -21.58 28.57 15.26
C ASP D 169 -20.21 28.99 15.79
N TYR E 16 36.75 -12.95 -17.62
CA TYR E 16 35.55 -12.13 -17.43
C TYR E 16 34.49 -12.50 -18.47
N SER E 17 33.95 -13.72 -18.33
CA SER E 17 32.94 -14.22 -19.27
C SER E 17 31.55 -13.79 -18.82
N THR E 18 30.67 -13.58 -19.80
CA THR E 18 29.28 -13.24 -19.51
C THR E 18 28.59 -14.34 -18.71
N ARG E 19 29.13 -15.57 -18.74
CA ARG E 19 28.54 -16.66 -17.97
C ARG E 19 28.83 -16.51 -16.49
N GLU E 20 30.09 -16.30 -16.13
CA GLU E 20 30.45 -16.21 -14.72
C GLU E 20 29.81 -15.00 -14.06
N ILE E 21 29.79 -13.86 -14.76
CA ILE E 21 29.28 -12.63 -14.14
C ILE E 21 27.78 -12.72 -13.93
N LEU E 22 27.05 -13.30 -14.88
CA LEU E 22 25.61 -13.43 -14.72
C LEU E 22 25.27 -14.38 -13.58
N LEU E 23 25.99 -15.51 -13.48
CA LEU E 23 25.76 -16.43 -12.38
C LEU E 23 26.08 -15.76 -11.05
N ALA E 24 27.24 -15.09 -10.96
CA ALA E 24 27.58 -14.37 -9.74
C ALA E 24 26.51 -13.35 -9.39
N LEU E 25 25.99 -12.63 -10.40
CA LEU E 25 24.94 -11.65 -10.14
C LEU E 25 23.68 -12.32 -9.59
N CYS E 26 23.33 -13.49 -10.13
CA CYS E 26 22.15 -14.20 -9.63
C CYS E 26 22.36 -14.70 -8.21
N ILE E 27 23.55 -15.25 -7.93
CA ILE E 27 23.87 -15.67 -6.57
C ILE E 27 23.87 -14.46 -5.63
N ARG E 28 24.44 -13.35 -6.09
CA ARG E 28 24.48 -12.14 -5.28
C ARG E 28 23.08 -11.65 -4.95
N ASP E 29 22.19 -11.63 -5.94
CA ASP E 29 20.85 -11.08 -5.74
C ASP E 29 20.05 -11.91 -4.74
N SER E 30 20.21 -13.24 -4.78
CA SER E 30 19.47 -14.09 -3.86
C SER E 30 19.91 -13.86 -2.41
N ARG E 31 21.22 -13.66 -2.20
CA ARG E 31 21.71 -13.38 -0.85
C ARG E 31 21.21 -12.05 -0.31
N VAL E 32 20.83 -11.12 -1.19
CA VAL E 32 20.25 -9.86 -0.76
C VAL E 32 18.77 -10.02 -0.46
N HIS E 33 18.03 -10.64 -1.39
CA HIS E 33 16.58 -10.78 -1.28
C HIS E 33 16.26 -12.02 -0.46
N GLY E 34 16.05 -11.83 0.84
CA GLY E 34 15.58 -12.88 1.71
C GLY E 34 16.65 -13.82 2.25
N ASN E 35 17.88 -13.73 1.75
CA ASN E 35 18.97 -14.60 2.19
C ASN E 35 18.53 -16.04 1.94
N GLY E 36 18.37 -16.88 2.95
CA GLY E 36 17.95 -18.25 2.75
C GLY E 36 19.06 -19.10 2.14
N THR E 37 18.72 -20.37 1.90
CA THR E 37 19.64 -21.29 1.28
C THR E 37 19.62 -21.11 -0.24
N LEU E 38 20.80 -21.11 -0.84
CA LEU E 38 20.90 -20.95 -2.29
C LEU E 38 20.27 -22.15 -2.99
N HIS E 39 19.43 -21.88 -3.98
CA HIS E 39 18.76 -22.94 -4.72
C HIS E 39 19.80 -23.92 -5.25
N PRO E 40 19.62 -25.23 -5.05
CA PRO E 40 20.66 -26.18 -5.48
C PRO E 40 20.98 -26.09 -6.97
N VAL E 41 20.04 -25.64 -7.79
CA VAL E 41 20.33 -25.42 -9.21
C VAL E 41 21.46 -24.40 -9.35
N LEU E 42 21.36 -23.29 -8.60
CA LEU E 42 22.41 -22.28 -8.66
C LEU E 42 23.70 -22.78 -8.04
N GLU E 43 23.61 -23.46 -6.88
CA GLU E 43 24.80 -23.99 -6.24
C GLU E 43 25.55 -24.93 -7.18
N LEU E 44 24.81 -25.74 -7.95
CA LEU E 44 25.44 -26.67 -8.87
C LEU E 44 26.12 -25.94 -10.02
N ALA E 45 25.50 -24.86 -10.52
CA ALA E 45 26.10 -24.10 -11.60
C ALA E 45 27.41 -23.45 -11.17
N ALA E 46 27.48 -22.99 -9.93
CA ALA E 46 28.73 -22.44 -9.42
C ALA E 46 29.81 -23.51 -9.34
N ARG E 47 29.42 -24.76 -9.14
CA ARG E 47 30.38 -25.86 -9.13
C ARG E 47 30.80 -26.25 -10.53
N GLU E 48 29.98 -25.97 -11.54
CA GLU E 48 30.29 -26.30 -12.92
C GLU E 48 30.68 -25.04 -13.69
N PRO E 50 33.84 -23.69 -11.64
CA PRO E 50 34.21 -22.74 -12.69
C PRO E 50 33.67 -21.34 -12.49
N LEU E 51 33.03 -21.09 -11.35
CA LEU E 51 32.69 -19.73 -10.94
C LEU E 51 33.81 -19.23 -10.04
N ARG E 52 34.78 -18.56 -10.64
CA ARG E 52 35.92 -18.03 -9.89
C ARG E 52 35.64 -16.64 -9.35
N LEU E 53 34.74 -15.89 -10.00
CA LEU E 53 34.35 -14.58 -9.50
C LEU E 53 33.49 -14.74 -8.25
N SER E 54 33.81 -13.98 -7.22
CA SER E 54 33.04 -14.05 -5.98
C SER E 54 31.72 -13.30 -6.15
N PRO E 55 30.62 -13.79 -5.56
CA PRO E 55 29.38 -13.01 -5.61
C PRO E 55 29.51 -11.65 -4.95
N GLU E 56 30.43 -11.50 -4.00
CA GLU E 56 30.67 -10.23 -3.31
C GLU E 56 31.80 -9.44 -3.94
N ASP E 57 32.32 -9.87 -5.09
CA ASP E 57 33.38 -9.13 -5.75
C ASP E 57 32.90 -7.72 -6.08
N THR E 58 33.84 -6.77 -6.02
CA THR E 58 33.50 -5.37 -6.29
C THR E 58 32.79 -5.23 -7.64
N VAL E 59 33.24 -5.97 -8.65
CA VAL E 59 32.62 -5.89 -9.97
C VAL E 59 31.15 -6.29 -9.89
N VAL E 60 30.85 -7.36 -9.15
CA VAL E 60 29.48 -7.84 -9.04
C VAL E 60 28.63 -6.82 -8.29
N LEU E 61 29.18 -6.20 -7.25
CA LEU E 61 28.42 -5.25 -6.45
C LEU E 61 28.00 -4.05 -7.28
N ARG E 62 28.87 -3.59 -8.19
CA ARG E 62 28.54 -2.43 -9.00
C ARG E 62 27.43 -2.75 -9.99
N TYR E 63 27.53 -3.89 -10.67
CA TYR E 63 26.51 -4.27 -11.64
C TYR E 63 25.18 -4.59 -10.97
N HIS E 64 25.21 -5.16 -9.76
CA HIS E 64 23.97 -5.53 -9.09
C HIS E 64 23.12 -4.30 -8.81
N VAL E 65 23.75 -3.18 -8.43
CA VAL E 65 23.00 -1.95 -8.22
C VAL E 65 22.55 -1.36 -9.55
N LEU E 66 23.45 -1.35 -10.55
CA LEU E 66 23.09 -0.81 -11.86
C LEU E 66 21.91 -1.58 -12.45
N LEU E 67 21.99 -2.91 -12.48
CA LEU E 67 20.93 -3.72 -13.06
C LEU E 67 19.63 -3.55 -12.28
N GLU E 68 19.71 -3.52 -10.95
CA GLU E 68 18.50 -3.32 -10.14
C GLU E 68 17.81 -2.00 -10.49
N GLU E 69 18.58 -0.99 -10.85
CA GLU E 69 17.98 0.29 -11.25
C GLU E 69 17.27 0.17 -12.59
N ILE E 70 17.76 -0.69 -13.48
CA ILE E 70 17.08 -0.90 -14.76
C ILE E 70 15.75 -1.59 -14.53
N ILE E 71 15.69 -2.51 -13.56
CA ILE E 71 14.47 -3.26 -13.30
C ILE E 71 13.39 -2.34 -12.74
N GLU E 72 13.75 -1.46 -11.82
CA GLU E 72 12.75 -0.65 -11.13
C GLU E 72 12.06 0.32 -12.08
N ARG E 73 12.82 0.92 -13.00
CA ARG E 73 12.20 1.80 -13.99
C ARG E 73 11.38 1.01 -15.00
N ASN E 74 11.86 -0.16 -15.40
CA ASN E 74 11.15 -1.04 -16.32
C ASN E 74 10.44 -2.17 -15.59
N SER E 75 10.06 -1.96 -14.33
CA SER E 75 9.41 -3.01 -13.56
C SER E 75 8.12 -3.46 -14.24
N GLU E 76 7.31 -2.51 -14.71
CA GLU E 76 6.07 -2.86 -15.39
C GLU E 76 6.35 -3.75 -16.59
N THR E 77 7.32 -3.38 -17.42
CA THR E 77 7.62 -4.16 -18.62
C THR E 77 8.24 -5.50 -18.26
N PHE E 78 9.27 -5.50 -17.41
CA PHE E 78 9.92 -6.74 -17.04
C PHE E 78 8.93 -7.72 -16.40
N THR E 79 8.01 -7.20 -15.58
CA THR E 79 7.02 -8.07 -14.94
C THR E 79 6.06 -8.64 -15.97
N GLU E 80 5.69 -7.85 -16.98
CA GLU E 80 4.72 -8.31 -17.97
C GLU E 80 5.34 -9.28 -18.97
N THR E 81 6.55 -8.98 -19.43
CA THR E 81 7.21 -9.86 -20.41
C THR E 81 7.51 -11.22 -19.80
N TRP E 82 8.06 -11.25 -18.59
CA TRP E 82 8.44 -12.52 -17.97
C TRP E 82 7.21 -13.39 -17.72
N ASN E 83 6.15 -12.81 -17.15
CA ASN E 83 4.94 -13.58 -16.88
C ASN E 83 4.33 -14.11 -18.17
N ARG E 84 4.42 -13.35 -19.26
CA ARG E 84 3.93 -13.84 -20.55
C ARG E 84 4.88 -14.85 -21.17
N PHE E 85 6.19 -14.69 -20.94
CA PHE E 85 7.17 -15.62 -21.49
C PHE E 85 7.08 -16.98 -20.81
N ILE E 86 7.02 -16.99 -19.47
CA ILE E 86 7.15 -18.24 -18.73
C ILE E 86 5.89 -19.08 -18.84
N THR E 87 4.73 -18.46 -18.99
CA THR E 87 3.46 -19.17 -19.03
C THR E 87 3.06 -19.61 -20.44
N HIS E 88 3.95 -19.46 -21.43
CA HIS E 88 3.64 -19.85 -22.80
C HIS E 88 4.74 -20.69 -23.44
N THR E 89 5.76 -21.08 -22.69
CA THR E 89 6.89 -21.80 -23.23
C THR E 89 6.82 -23.27 -22.81
N GLU E 90 6.93 -24.17 -23.78
CA GLU E 90 7.06 -25.59 -23.51
C GLU E 90 8.51 -26.04 -23.44
N HIS E 91 9.45 -25.21 -23.87
CA HIS E 91 10.89 -25.48 -23.77
C HIS E 91 11.56 -24.15 -23.42
N VAL E 92 11.66 -23.88 -22.11
CA VAL E 92 12.17 -22.58 -21.68
C VAL E 92 13.64 -22.43 -22.01
N ASP E 93 14.41 -23.52 -21.91
CA ASP E 93 15.85 -23.44 -22.20
C ASP E 93 16.09 -23.00 -23.63
N LEU E 94 15.24 -23.44 -24.56
CA LEU E 94 15.41 -23.07 -25.97
C LEU E 94 14.89 -21.68 -26.25
N ASP E 95 13.76 -21.30 -25.63
CA ASP E 95 13.19 -19.99 -25.88
C ASP E 95 14.07 -18.86 -25.36
N PHE E 96 14.93 -19.13 -24.37
CA PHE E 96 15.88 -18.11 -23.93
C PHE E 96 16.85 -17.75 -25.06
N ASN E 97 17.27 -18.75 -25.84
CA ASN E 97 18.21 -18.48 -26.93
C ASN E 97 17.51 -17.76 -28.08
N SER E 98 16.27 -18.14 -28.40
CA SER E 98 15.55 -17.48 -29.49
C SER E 98 15.27 -16.02 -29.16
N VAL E 99 15.11 -15.68 -27.88
CA VAL E 99 15.01 -14.28 -27.49
C VAL E 99 16.34 -13.57 -27.68
N PHE E 100 17.44 -14.23 -27.29
CA PHE E 100 18.75 -13.60 -27.38
C PHE E 100 19.12 -13.27 -28.82
N LEU E 101 18.72 -14.14 -29.76
CA LEU E 101 19.07 -13.92 -31.16
C LEU E 101 18.25 -12.80 -31.79
N GLU E 102 16.95 -12.75 -31.48
CA GLU E 102 16.13 -11.65 -31.99
C GLU E 102 16.65 -10.30 -31.53
N ILE E 103 17.24 -10.24 -30.34
CA ILE E 103 17.78 -8.98 -29.82
C ILE E 103 19.13 -8.67 -30.46
N PHE E 104 20.02 -9.65 -30.50
CA PHE E 104 21.39 -9.46 -31.00
C PHE E 104 21.56 -10.33 -32.24
N HIS E 105 21.16 -9.80 -33.40
CA HIS E 105 21.32 -10.52 -34.66
C HIS E 105 22.79 -10.54 -35.07
N PRO E 109 24.72 -5.89 -31.03
CA PRO E 109 25.45 -5.94 -29.76
C PRO E 109 25.88 -4.56 -29.27
N SER E 110 24.95 -3.80 -28.70
CA SER E 110 25.22 -2.48 -28.19
C SER E 110 25.36 -2.52 -26.66
N LEU E 111 25.60 -1.35 -26.07
CA LEU E 111 25.74 -1.26 -24.62
C LEU E 111 24.37 -1.33 -23.94
N GLY E 112 23.41 -0.55 -24.42
CA GLY E 112 22.11 -0.49 -23.77
C GLY E 112 21.39 -1.83 -23.80
N ARG E 113 21.42 -2.52 -24.94
CA ARG E 113 20.74 -3.80 -25.04
C ARG E 113 21.43 -4.87 -24.21
N ALA E 114 22.75 -4.77 -24.04
CA ALA E 114 23.46 -5.73 -23.22
C ALA E 114 23.00 -5.66 -21.76
N LEU E 115 22.93 -4.45 -21.20
CA LEU E 115 22.50 -4.29 -19.82
C LEU E 115 21.03 -4.65 -19.65
N ALA E 116 20.19 -4.29 -20.62
CA ALA E 116 18.78 -4.63 -20.54
C ALA E 116 18.59 -6.15 -20.56
N TRP E 117 19.41 -6.86 -21.33
CA TRP E 117 19.35 -8.31 -21.34
C TRP E 117 19.77 -8.89 -20.00
N MET E 118 20.89 -8.42 -19.46
CA MET E 118 21.36 -8.90 -18.16
C MET E 118 20.33 -8.61 -17.08
N ALA E 119 19.86 -7.37 -17.00
CA ALA E 119 18.87 -7.02 -15.98
C ALA E 119 17.60 -7.84 -16.13
N TRP E 120 17.23 -8.19 -17.37
CA TRP E 120 16.03 -9.00 -17.57
C TRP E 120 16.25 -10.44 -17.13
N CYS E 121 17.48 -10.94 -17.23
CA CYS E 121 17.77 -12.29 -16.79
C CYS E 121 17.86 -12.37 -15.27
N MET E 122 18.54 -11.41 -14.64
CA MET E 122 18.60 -11.40 -13.18
C MET E 122 17.21 -11.31 -12.58
N HIS E 123 16.33 -10.50 -13.19
CA HIS E 123 14.95 -10.42 -12.71
C HIS E 123 14.25 -11.76 -12.84
N ALA E 124 14.45 -12.45 -13.96
CA ALA E 124 13.84 -13.77 -14.15
C ALA E 124 14.31 -14.74 -13.08
N CYS E 125 15.62 -14.80 -12.85
CA CYS E 125 16.15 -15.69 -11.83
C CYS E 125 15.66 -15.31 -10.44
N ARG E 126 15.33 -14.03 -10.23
CA ARG E 126 14.80 -13.60 -8.93
C ARG E 126 13.46 -14.24 -8.64
N THR E 127 12.63 -14.45 -9.66
CA THR E 127 11.31 -15.04 -9.49
C THR E 127 11.32 -16.55 -9.39
N LEU E 128 12.51 -17.18 -9.50
CA LEU E 128 12.61 -18.63 -9.52
C LEU E 128 13.46 -19.21 -8.40
N CYS E 129 14.28 -18.41 -7.71
CA CYS E 129 15.20 -18.91 -6.72
C CYS E 129 14.58 -19.02 -5.32
N CYS E 130 13.60 -18.18 -5.01
CA CYS E 130 13.15 -17.99 -3.64
C CYS E 130 11.93 -18.82 -3.28
N ASN E 131 11.16 -19.30 -4.25
CA ASN E 131 9.93 -20.02 -3.96
C ASN E 131 10.23 -21.40 -3.37
N GLN E 132 9.19 -22.00 -2.82
CA GLN E 132 9.19 -23.41 -2.44
C GLN E 132 8.21 -24.22 -3.27
N SER E 133 7.80 -23.69 -4.42
CA SER E 133 6.81 -24.35 -5.27
C SER E 133 7.28 -24.41 -6.72
N THR E 134 8.15 -23.49 -7.11
CA THR E 134 8.68 -23.47 -8.48
C THR E 134 9.29 -24.83 -8.80
N PRO E 135 8.81 -25.52 -9.84
CA PRO E 135 9.37 -26.85 -10.15
C PRO E 135 10.86 -26.77 -10.45
N TYR E 136 11.61 -27.72 -9.88
CA TYR E 136 13.06 -27.74 -10.07
C TYR E 136 13.43 -27.74 -11.55
N TYR E 137 12.66 -28.45 -12.37
CA TYR E 137 12.99 -28.52 -13.79
C TYR E 137 12.80 -27.16 -14.47
N VAL E 138 11.89 -26.33 -13.96
CA VAL E 138 11.73 -24.99 -14.49
C VAL E 138 12.91 -24.11 -14.09
N VAL E 139 13.43 -24.31 -12.88
CA VAL E 139 14.60 -23.54 -12.45
C VAL E 139 15.84 -24.03 -13.19
N ASP E 140 15.94 -25.34 -13.42
CA ASP E 140 17.12 -25.89 -14.07
C ASP E 140 17.23 -25.41 -15.52
N LEU E 141 16.14 -25.54 -16.29
CA LEU E 141 16.18 -25.12 -17.69
C LEU E 141 16.30 -23.61 -17.81
N SER E 142 15.69 -22.85 -16.90
CA SER E 142 15.80 -21.40 -16.95
C SER E 142 17.25 -20.95 -16.79
N VAL E 143 17.95 -21.50 -15.80
CA VAL E 143 19.34 -21.11 -15.56
C VAL E 143 20.21 -21.47 -16.77
N ARG E 144 20.05 -22.69 -17.28
CA ARG E 144 20.83 -23.11 -18.44
C ARG E 144 20.51 -22.28 -19.67
N GLY E 145 19.27 -21.79 -19.77
CA GLY E 145 18.91 -20.93 -20.90
C GLY E 145 19.65 -19.61 -20.86
N MET E 146 19.68 -18.96 -19.70
CA MET E 146 20.34 -17.66 -19.58
C MET E 146 21.82 -17.77 -19.91
N LEU E 147 22.53 -18.65 -19.21
CA LEU E 147 23.98 -18.72 -19.34
C LEU E 147 24.39 -19.10 -20.76
N GLU E 148 23.85 -20.22 -21.27
CA GLU E 148 24.20 -20.66 -22.61
C GLU E 148 23.84 -19.60 -23.65
N ALA E 149 22.76 -18.86 -23.44
CA ALA E 149 22.39 -17.81 -24.37
C ALA E 149 23.27 -16.58 -24.19
N SER E 150 23.66 -16.27 -22.95
CA SER E 150 24.48 -15.09 -22.70
C SER E 150 25.89 -15.23 -23.27
N GLU E 151 26.34 -16.45 -23.56
CA GLU E 151 27.67 -16.63 -24.13
C GLU E 151 27.83 -15.88 -25.45
N GLY E 152 26.73 -15.56 -26.14
CA GLY E 152 26.82 -14.81 -27.38
C GLY E 152 27.43 -13.43 -27.22
N LEU E 153 27.44 -12.90 -25.99
CA LEU E 153 28.02 -11.60 -25.73
C LEU E 153 29.50 -11.65 -25.39
N ASP E 154 30.05 -12.86 -25.18
CA ASP E 154 31.46 -12.98 -24.80
C ASP E 154 32.37 -12.33 -25.84
N GLY E 155 32.18 -12.67 -27.11
CA GLY E 155 33.03 -12.12 -28.16
C GLY E 155 33.03 -10.61 -28.17
N TRP E 156 31.82 -10.01 -28.24
CA TRP E 156 31.73 -8.56 -28.29
C TRP E 156 32.28 -7.90 -27.04
N ILE E 157 32.13 -8.55 -25.88
CA ILE E 157 32.65 -7.98 -24.64
C ILE E 157 34.17 -7.99 -24.63
N HIS E 158 34.78 -9.10 -25.07
CA HIS E 158 36.23 -9.16 -25.12
C HIS E 158 36.80 -8.07 -26.01
N GLN E 159 36.05 -7.65 -27.04
CA GLN E 159 36.47 -6.55 -27.88
C GLN E 159 36.35 -5.20 -27.20
N GLN E 160 35.64 -5.12 -26.08
CA GLN E 160 35.48 -3.88 -25.33
C GLN E 160 36.34 -3.82 -24.08
N GLY E 161 37.13 -4.86 -23.81
CA GLY E 161 38.01 -4.86 -22.66
C GLY E 161 37.44 -5.47 -21.40
N GLY E 162 36.56 -6.46 -21.53
CA GLY E 162 35.98 -7.12 -20.38
C GLY E 162 34.80 -6.35 -19.82
N TRP E 163 34.12 -7.00 -18.86
CA TRP E 163 32.94 -6.39 -18.25
C TRP E 163 33.34 -5.26 -17.30
N SER E 164 34.46 -5.42 -16.58
CA SER E 164 34.88 -4.40 -15.63
C SER E 164 35.14 -3.07 -16.33
N THR E 165 35.89 -3.11 -17.44
CA THR E 165 36.19 -1.88 -18.17
C THR E 165 34.93 -1.22 -18.71
N LEU E 166 33.87 -1.99 -18.93
CA LEU E 166 32.66 -1.47 -19.55
C LEU E 166 31.98 -0.41 -18.70
N ILE E 167 32.36 -0.25 -17.44
CA ILE E 167 31.76 0.76 -16.58
C ILE E 167 32.81 1.33 -15.63
N SER F 1 0.27 -28.35 -33.48
CA SER F 1 -0.40 -28.11 -32.21
C SER F 1 -0.07 -26.73 -31.67
N GLU F 2 0.13 -26.65 -30.35
CA GLU F 2 0.47 -25.42 -29.65
C GLU F 2 -0.35 -24.24 -30.15
N SER F 3 -1.63 -24.48 -30.45
CA SER F 3 -2.55 -23.44 -30.89
C SER F 3 -3.56 -23.15 -29.79
N GLN F 4 -4.02 -21.91 -29.73
CA GLN F 4 -4.97 -21.53 -28.68
C GLN F 4 -6.26 -22.32 -28.76
N GLU F 5 -6.65 -22.75 -29.96
CA GLU F 5 -7.85 -23.58 -30.09
C GLU F 5 -7.56 -25.06 -29.84
N ASP F 6 -6.33 -25.51 -30.15
CA ASP F 6 -5.96 -26.88 -29.85
C ASP F 6 -5.81 -27.10 -28.35
N ILE F 7 -5.40 -26.07 -27.60
CA ILE F 7 -5.23 -26.21 -26.17
C ILE F 7 -6.58 -26.19 -25.46
N ILE F 8 -7.54 -25.41 -25.97
CA ILE F 8 -8.88 -25.43 -25.40
C ILE F 8 -9.56 -26.77 -25.69
N ARG F 9 -9.44 -27.26 -26.93
CA ARG F 9 -10.03 -28.55 -27.27
C ARG F 9 -9.42 -29.66 -26.43
N ASN F 10 -8.11 -29.62 -26.20
CA ASN F 10 -7.46 -30.65 -25.40
C ASN F 10 -7.94 -30.63 -23.96
N ILE F 11 -8.32 -29.45 -23.45
CA ILE F 11 -8.85 -29.37 -22.08
C ILE F 11 -10.26 -29.92 -22.03
N ALA F 12 -11.07 -29.66 -23.07
CA ALA F 12 -12.45 -30.14 -23.07
C ALA F 12 -12.51 -31.66 -23.03
N ARG F 13 -11.61 -32.32 -23.75
CA ARG F 13 -11.62 -33.79 -23.78
C ARG F 13 -11.08 -34.39 -22.49
N HIS F 14 -10.14 -33.71 -21.82
CA HIS F 14 -9.73 -34.14 -20.49
C HIS F 14 -10.92 -34.20 -19.54
N LEU F 15 -11.80 -33.19 -19.61
CA LEU F 15 -12.97 -33.17 -18.74
C LEU F 15 -14.00 -34.20 -19.17
N ALA F 16 -14.13 -34.43 -20.48
CA ALA F 16 -15.06 -35.45 -20.96
C ALA F 16 -14.66 -36.83 -20.45
N GLN F 17 -13.36 -37.10 -20.37
CA GLN F 17 -12.90 -38.36 -19.77
C GLN F 17 -13.35 -38.47 -18.32
N VAL F 18 -13.08 -37.43 -17.52
CA VAL F 18 -13.52 -37.42 -16.13
C VAL F 18 -15.01 -37.69 -16.06
N GLY F 19 -15.79 -37.00 -16.90
CA GLY F 19 -17.23 -37.19 -16.90
C GLY F 19 -17.62 -38.60 -17.27
N ASP F 20 -17.11 -39.10 -18.41
CA ASP F 20 -17.45 -40.45 -18.84
C ASP F 20 -17.10 -41.47 -17.77
N SER F 21 -15.94 -41.34 -17.13
CA SER F 21 -15.57 -42.24 -16.05
C SER F 21 -16.65 -42.28 -14.98
N MET F 22 -17.20 -41.11 -14.61
CA MET F 22 -18.25 -41.08 -13.61
C MET F 22 -19.55 -41.67 -14.16
N ASP F 23 -19.88 -41.36 -15.41
CA ASP F 23 -21.14 -41.82 -15.99
C ASP F 23 -21.17 -43.31 -16.25
N ARG F 24 -20.03 -44.00 -16.17
CA ARG F 24 -20.02 -45.44 -16.38
C ARG F 24 -20.78 -46.18 -15.28
N SER F 25 -20.91 -45.59 -14.10
CA SER F 25 -21.50 -46.27 -12.95
C SER F 25 -23.00 -46.10 -12.85
N ILE F 26 -23.58 -45.09 -13.49
CA ILE F 26 -24.99 -44.75 -13.30
C ILE F 26 -25.88 -45.70 -14.10
N PRO F 27 -25.61 -45.92 -15.39
CA PRO F 27 -26.49 -46.80 -16.18
C PRO F 27 -26.60 -48.20 -15.58
N PRO F 28 -25.49 -48.91 -15.38
CA PRO F 28 -25.61 -50.31 -14.93
C PRO F 28 -26.37 -50.48 -13.64
N GLY F 29 -26.42 -49.45 -12.79
CA GLY F 29 -27.14 -49.55 -11.54
C GLY F 29 -28.64 -49.39 -11.70
N LEU F 30 -29.05 -48.40 -12.48
CA LEU F 30 -30.47 -48.22 -12.74
C LEU F 30 -31.08 -49.47 -13.36
N VAL F 31 -30.56 -49.88 -14.52
CA VAL F 31 -30.97 -51.13 -15.18
C VAL F 31 -29.86 -51.61 -16.11
N SER G 3 7.66 26.59 -2.72
CA SER G 3 8.94 27.17 -3.12
C SER G 3 10.10 26.27 -2.75
N GLN G 4 10.74 25.69 -3.77
CA GLN G 4 11.88 24.82 -3.51
C GLN G 4 13.01 25.56 -2.80
N GLU G 5 13.11 26.88 -3.02
CA GLU G 5 14.11 27.67 -2.30
C GLU G 5 13.76 27.76 -0.82
N ASP G 6 12.48 27.93 -0.51
CA ASP G 6 12.05 27.99 0.89
C ASP G 6 12.25 26.65 1.58
N ILE G 7 11.99 25.56 0.86
CA ILE G 7 12.09 24.22 1.46
C ILE G 7 13.49 23.98 2.01
N ILE G 8 14.50 24.17 1.16
CA ILE G 8 15.88 23.91 1.58
C ILE G 8 16.28 24.84 2.71
N ARG G 9 16.04 26.15 2.54
CA ARG G 9 16.40 27.09 3.59
C ARG G 9 15.66 26.78 4.89
N ASN G 10 14.38 26.43 4.79
CA ASN G 10 13.61 26.13 6.00
C ASN G 10 14.16 24.90 6.71
N ILE G 11 14.46 23.85 5.96
CA ILE G 11 15.11 22.68 6.53
C ILE G 11 16.43 23.07 7.19
N ALA G 12 17.18 23.95 6.53
CA ALA G 12 18.43 24.43 7.11
C ALA G 12 18.18 25.21 8.40
N ARG G 13 17.17 26.08 8.40
CA ARG G 13 16.84 26.83 9.61
C ARG G 13 16.46 25.90 10.74
N HIS G 14 15.60 24.90 10.46
CA HIS G 14 15.21 23.94 11.49
C HIS G 14 16.43 23.21 12.05
N LEU G 15 17.33 22.78 11.17
CA LEU G 15 18.49 22.01 11.62
C LEU G 15 19.49 22.90 12.34
N ALA G 16 19.64 24.15 11.93
CA ALA G 16 20.47 25.08 12.68
C ALA G 16 19.89 25.34 14.07
N GLN G 17 18.56 25.31 14.19
CA GLN G 17 17.94 25.50 15.50
C GLN G 17 18.18 24.30 16.40
N VAL G 18 18.17 23.09 15.85
CA VAL G 18 18.49 21.90 16.64
C VAL G 18 19.89 22.05 17.24
N GLY G 19 20.87 22.39 16.40
CA GLY G 19 22.22 22.55 16.90
C GLY G 19 22.33 23.57 18.02
N ASP G 20 21.67 24.71 17.87
CA ASP G 20 21.69 25.73 18.90
C ASP G 20 20.93 25.31 20.15
N SER G 21 19.97 24.39 20.03
CA SER G 21 19.25 23.92 21.20
C SER G 21 20.17 23.19 22.18
N MET G 22 21.23 22.57 21.66
CA MET G 22 22.24 21.93 22.50
C MET G 22 23.32 22.90 22.95
N ASP G 23 23.12 24.21 22.75
CA ASP G 23 24.16 25.20 23.04
C ASP G 23 23.56 26.42 23.74
N ARG G 24 22.57 26.19 24.60
CA ARG G 24 21.85 27.28 25.25
C ARG G 24 21.82 27.12 26.76
N SER G 25 22.87 26.58 27.34
CA SER G 25 22.97 26.46 28.80
C SER G 25 24.44 26.43 29.20
N ILE G 26 24.76 27.17 30.26
CA ILE G 26 26.12 27.21 30.78
C ILE G 26 26.24 26.14 31.87
N PRO G 27 26.89 25.01 31.62
CA PRO G 27 26.99 23.97 32.63
C PRO G 27 27.90 24.40 33.78
N PRO G 28 27.46 24.22 35.03
CA PRO G 28 28.38 24.48 36.15
C PRO G 28 29.61 23.58 36.04
N GLY G 29 30.78 24.21 36.07
CA GLY G 29 32.03 23.52 35.87
C GLY G 29 32.64 23.68 34.49
N LEU G 30 32.02 24.47 33.62
CA LEU G 30 32.58 24.73 32.30
C LEU G 30 34.02 25.21 32.43
N VAL G 31 34.28 26.14 33.35
CA VAL G 31 35.61 26.64 33.64
C VAL G 31 35.90 26.31 35.09
N ASN G 32 36.61 25.21 35.33
CA ASN G 32 36.94 24.79 36.69
C ASN G 32 38.21 23.94 36.71
N GLN H 4 3.36 23.42 -8.55
CA GLN H 4 2.20 22.59 -8.26
C GLN H 4 1.10 22.84 -9.27
N GLU H 5 1.16 23.98 -9.97
CA GLU H 5 0.19 24.26 -11.02
C GLU H 5 0.36 23.30 -12.19
N ASP H 6 1.58 23.17 -12.70
CA ASP H 6 1.83 22.23 -13.79
C ASP H 6 1.51 20.80 -13.36
N ILE H 7 1.67 20.49 -12.07
CA ILE H 7 1.23 19.19 -11.56
C ILE H 7 -0.25 18.99 -11.86
N ILE H 8 -1.06 20.02 -11.58
CA ILE H 8 -2.50 19.92 -11.81
C ILE H 8 -2.79 19.72 -13.29
N ARG H 9 -2.28 20.61 -14.14
CA ARG H 9 -2.53 20.49 -15.57
C ARG H 9 -2.00 19.18 -16.13
N ASN H 10 -0.91 18.66 -15.57
CA ASN H 10 -0.40 17.37 -16.01
C ASN H 10 -1.33 16.23 -15.60
N ILE H 11 -1.85 16.28 -14.37
CA ILE H 11 -2.76 15.24 -13.90
C ILE H 11 -4.06 15.29 -14.70
N ALA H 12 -4.52 16.49 -15.05
CA ALA H 12 -5.73 16.60 -15.86
C ALA H 12 -5.54 15.99 -17.23
N ARG H 13 -4.38 16.23 -17.86
CA ARG H 13 -4.12 15.68 -19.18
C ARG H 13 -4.13 14.15 -19.16
N HIS H 14 -3.52 13.55 -18.13
CA HIS H 14 -3.52 12.10 -18.02
C HIS H 14 -4.96 11.57 -17.92
N LEU H 15 -5.69 12.01 -16.90
CA LEU H 15 -7.06 11.54 -16.72
C LEU H 15 -7.93 11.86 -17.92
N ALA H 16 -7.64 12.95 -18.62
CA ALA H 16 -8.39 13.29 -19.83
C ALA H 16 -8.14 12.26 -20.93
N GLN H 17 -6.91 11.77 -21.05
CA GLN H 17 -6.61 10.75 -22.04
C GLN H 17 -7.23 9.41 -21.66
N VAL H 18 -7.17 9.06 -20.36
CA VAL H 18 -7.78 7.82 -19.90
C VAL H 18 -9.26 7.78 -20.28
N GLY H 19 -9.94 8.93 -20.18
CA GLY H 19 -11.34 8.97 -20.55
C GLY H 19 -11.56 8.92 -22.04
N ASP H 20 -10.72 9.62 -22.81
CA ASP H 20 -10.85 9.62 -24.26
C ASP H 20 -10.57 8.25 -24.87
N SER H 21 -9.87 7.37 -24.15
CA SER H 21 -9.63 6.02 -24.63
C SER H 21 -10.80 5.08 -24.36
N MET H 22 -11.74 5.47 -23.49
CA MET H 22 -12.94 4.69 -23.23
C MET H 22 -14.11 5.09 -24.13
N ASP H 23 -13.84 5.79 -25.23
CA ASP H 23 -14.89 6.22 -26.14
C ASP H 23 -14.85 5.39 -27.42
N GLN I 4 6.20 18.01 42.20
CA GLN I 4 4.98 17.66 41.42
C GLN I 4 3.89 18.71 41.62
N GLU I 5 4.00 19.44 42.73
CA GLU I 5 3.05 20.52 43.00
C GLU I 5 2.99 21.51 41.83
N ASP I 6 4.14 21.79 41.21
CA ASP I 6 4.19 22.72 40.09
C ASP I 6 4.14 22.02 38.73
N ILE I 7 4.57 20.76 38.65
CA ILE I 7 4.36 19.99 37.43
C ILE I 7 2.90 20.08 37.02
N ILE I 8 1.98 19.97 37.98
CA ILE I 8 0.56 20.17 37.70
C ILE I 8 0.34 21.51 37.04
N ARG I 9 1.06 22.54 37.49
CA ARG I 9 0.89 23.87 36.93
C ARG I 9 1.58 23.98 35.56
N ASN I 10 2.84 23.52 35.48
CA ASN I 10 3.56 23.55 34.21
C ASN I 10 2.74 22.88 33.12
N ILE I 11 2.11 21.74 33.44
CA ILE I 11 1.24 21.06 32.48
C ILE I 11 0.09 21.98 32.09
N ALA I 12 -0.61 22.54 33.07
CA ALA I 12 -1.73 23.42 32.78
C ALA I 12 -1.30 24.63 31.98
N ARG I 13 -0.05 25.07 32.13
CA ARG I 13 0.44 26.19 31.34
C ARG I 13 0.65 25.79 29.89
N HIS I 14 1.26 24.61 29.66
CA HIS I 14 1.41 24.10 28.30
C HIS I 14 0.05 23.96 27.64
N LEU I 15 -0.92 23.37 28.35
CA LEU I 15 -2.27 23.25 27.81
C LEU I 15 -2.85 24.61 27.47
N ALA I 16 -2.57 25.62 28.30
CA ALA I 16 -3.03 26.97 28.00
C ALA I 16 -2.37 27.50 26.73
N GLN I 17 -1.10 27.16 26.51
CA GLN I 17 -0.38 27.66 25.35
C GLN I 17 -1.03 27.18 24.05
N VAL I 18 -1.33 25.88 23.96
CA VAL I 18 -1.98 25.36 22.77
C VAL I 18 -3.41 25.89 22.65
N GLY I 19 -4.08 26.11 23.79
CA GLY I 19 -5.44 26.61 23.74
C GLY I 19 -5.53 28.02 23.18
N ASP I 20 -4.56 28.87 23.51
CA ASP I 20 -4.56 30.24 23.02
C ASP I 20 -4.12 30.32 21.56
N SER I 21 -3.27 29.40 21.11
CA SER I 21 -2.84 29.40 19.72
C SER I 21 -4.03 29.30 18.78
N MET I 22 -4.98 28.41 19.09
CA MET I 22 -6.17 28.27 18.27
C MET I 22 -7.23 29.29 18.63
N ASP I 23 -7.24 29.78 19.87
CA ASP I 23 -8.15 30.85 20.24
C ASP I 23 -7.82 32.13 19.49
N ARG I 24 -6.55 32.36 19.20
CA ARG I 24 -6.15 33.45 18.33
C ARG I 24 -6.32 33.03 16.87
N SER I 25 -6.60 34.01 16.02
CA SER I 25 -6.85 33.75 14.60
C SER I 25 -8.13 32.93 14.41
N ILE I 26 -9.20 33.38 15.03
CA ILE I 26 -10.49 32.70 14.96
C ILE I 26 -11.45 33.49 14.09
N SER J 1 -4.57 -13.50 -31.80
CA SER J 1 -4.10 -14.82 -32.19
C SER J 1 -2.70 -15.08 -31.64
N GLU J 2 -2.62 -15.94 -30.63
CA GLU J 2 -1.34 -16.25 -30.00
C GLU J 2 -0.49 -17.12 -30.92
N SER J 3 0.77 -16.75 -31.09
CA SER J 3 1.73 -17.51 -31.88
C SER J 3 3.03 -17.56 -31.10
N GLN J 4 3.39 -18.74 -30.59
CA GLN J 4 4.57 -18.87 -29.73
C GLN J 4 5.76 -18.14 -30.31
N GLU J 5 6.01 -18.30 -31.62
CA GLU J 5 7.12 -17.61 -32.25
C GLU J 5 6.90 -16.09 -32.23
N ASP J 6 5.66 -15.66 -32.43
CA ASP J 6 5.36 -14.23 -32.36
C ASP J 6 5.36 -13.73 -30.92
N ILE J 7 4.96 -14.57 -29.97
CA ILE J 7 5.06 -14.21 -28.56
C ILE J 7 6.50 -13.89 -28.19
N ILE J 8 7.44 -14.62 -28.79
CA ILE J 8 8.85 -14.48 -28.41
C ILE J 8 9.44 -13.20 -28.96
N ARG J 9 9.19 -12.91 -30.24
CA ARG J 9 9.81 -11.75 -30.87
C ARG J 9 9.19 -10.43 -30.44
N ASN J 10 7.95 -10.45 -29.94
CA ASN J 10 7.35 -9.23 -29.41
C ASN J 10 8.07 -8.80 -28.13
N ILE J 11 8.46 -9.76 -27.29
CA ILE J 11 9.25 -9.45 -26.11
C ILE J 11 10.61 -8.88 -26.50
N ALA J 12 11.15 -9.34 -27.64
CA ALA J 12 12.45 -8.82 -28.08
C ALA J 12 12.38 -7.34 -28.41
N ARG J 13 11.22 -6.87 -28.92
CA ARG J 13 11.09 -5.45 -29.21
C ARG J 13 11.04 -4.62 -27.92
N HIS J 14 10.34 -5.12 -26.90
CA HIS J 14 10.30 -4.42 -25.62
C HIS J 14 11.71 -4.24 -25.07
N LEU J 15 12.48 -5.32 -25.00
CA LEU J 15 13.86 -5.22 -24.51
C LEU J 15 14.70 -4.34 -25.42
N ALA J 16 14.38 -4.30 -26.72
CA ALA J 16 15.10 -3.40 -27.62
C ALA J 16 14.83 -1.95 -27.29
N GLN J 17 13.59 -1.60 -26.95
CA GLN J 17 13.28 -0.24 -26.56
C GLN J 17 14.05 0.16 -25.30
N VAL J 18 14.06 -0.72 -24.30
CA VAL J 18 14.78 -0.41 -23.06
C VAL J 18 16.27 -0.22 -23.34
N GLY J 19 16.84 -1.08 -24.17
CA GLY J 19 18.26 -0.94 -24.49
C GLY J 19 18.54 0.33 -25.27
N ASP J 20 17.74 0.59 -26.32
CA ASP J 20 17.94 1.79 -27.11
C ASP J 20 17.72 3.05 -26.28
N SER J 21 16.74 3.02 -25.37
CA SER J 21 16.47 4.18 -24.53
C SER J 21 17.68 4.54 -23.66
N MET J 22 18.47 3.54 -23.27
CA MET J 22 19.65 3.82 -22.46
C MET J 22 20.77 4.43 -23.31
N ASP J 23 20.94 3.97 -24.54
CA ASP J 23 21.93 4.56 -25.43
C ASP J 23 21.56 5.99 -25.82
N ARG J 24 20.27 6.34 -25.76
CA ARG J 24 19.87 7.72 -26.08
C ARG J 24 20.48 8.71 -25.11
N SER J 25 20.51 8.37 -23.82
CA SER J 25 21.08 9.25 -22.82
C SER J 25 22.59 9.33 -22.98
N ILE J 26 23.15 10.48 -22.60
CA ILE J 26 24.59 10.70 -22.72
C ILE J 26 25.36 9.68 -21.87
#